data_2P37
#
_entry.id   2P37
#
_cell.length_a   69.391
_cell.length_b   69.391
_cell.length_c   161.298
_cell.angle_alpha   90.00
_cell.angle_beta   90.00
_cell.angle_gamma   120.00
#
_symmetry.space_group_name_H-M   'P 32'
#
loop_
_entity.id
_entity.type
_entity.pdbx_description
1 polymer 'Concanavalin A'
2 branched 'alpha-D-mannopyranose-(1-3)-methyl beta-D-altropyranoside'
3 non-polymer 'MANGANESE (II) ION'
4 non-polymer 'CALCIUM ION'
5 water water
#
_entity_poly.entity_id   1
_entity_poly.type   'polypeptide(L)'
_entity_poly.pdbx_seq_one_letter_code
;ADTIVAVELDTYPNTDIGDPSYPHIGIDIKSVRSKKTAKWNMQNGKVGTAHIIYNSVGKRLSAVVSYPNGDSATVSYDVD
LDNVLPEWVRVGLSASTGLYKETNTILSWSFTSKLKSNSTHETNALHFVFNQFSKDQKDLILQGDATTGTDGNLELTRVS
SNGSPQGSSVGRALFYAPVHIWESSAVVASFDATFTFLIKSSDSHPADGIAFFISNIDSSIPSGSTGRLLGLFPDAN
;
_entity_poly.pdbx_strand_id   A,B,C,D
#
# COMPACT_ATOMS: atom_id res chain seq x y z
N ALA A 1 -27.15 -23.98 0.65
CA ALA A 1 -26.22 -23.63 1.74
C ALA A 1 -25.29 -22.54 1.22
N ASP A 2 -24.58 -21.87 2.11
CA ASP A 2 -23.53 -20.93 1.74
C ASP A 2 -22.42 -21.67 0.99
N THR A 3 -21.66 -20.95 0.18
CA THR A 3 -20.47 -21.54 -0.40
C THR A 3 -19.32 -21.09 0.49
N ILE A 4 -18.39 -21.97 0.80
CA ILE A 4 -17.32 -21.62 1.74
C ILE A 4 -16.01 -22.09 1.20
N VAL A 5 -15.08 -21.14 1.13
CA VAL A 5 -13.65 -21.40 1.06
C VAL A 5 -13.05 -20.97 2.44
N ALA A 6 -12.44 -21.88 3.18
CA ALA A 6 -11.85 -21.40 4.41
C ALA A 6 -10.44 -21.89 4.56
N VAL A 7 -9.66 -21.16 5.33
CA VAL A 7 -8.43 -21.68 5.86
C VAL A 7 -8.69 -21.93 7.37
N GLU A 8 -8.65 -23.19 7.80
CA GLU A 8 -9.02 -23.51 9.19
C GLU A 8 -7.81 -23.72 10.02
N LEU A 9 -7.82 -23.19 11.25
CA LEU A 9 -6.84 -23.52 12.24
C LEU A 9 -7.58 -24.38 13.23
N ASP A 10 -7.43 -25.68 13.07
CA ASP A 10 -8.29 -26.60 13.71
C ASP A 10 -7.58 -27.26 14.84
N THR A 11 -8.08 -26.96 16.01
CA THR A 11 -7.35 -27.27 17.23
C THR A 11 -7.76 -28.66 17.77
N TYR A 12 -8.92 -29.13 17.32
CA TYR A 12 -9.51 -30.30 17.87
C TYR A 12 -9.71 -31.37 16.79
N PRO A 13 -9.03 -32.52 16.90
CA PRO A 13 -9.16 -33.51 15.83
C PRO A 13 -10.48 -34.27 15.90
N ASN A 14 -11.31 -34.09 14.87
CA ASN A 14 -12.56 -34.78 14.76
C ASN A 14 -12.35 -35.92 13.75
N THR A 15 -11.67 -36.97 14.22
CA THR A 15 -11.23 -38.10 13.40
C THR A 15 -12.40 -38.89 12.81
N ASP A 16 -13.59 -38.72 13.37
CA ASP A 16 -14.80 -39.34 12.82
C ASP A 16 -15.40 -38.57 11.67
N ILE A 17 -14.93 -37.34 11.42
CA ILE A 17 -15.28 -36.64 10.17
C ILE A 17 -14.05 -36.30 9.30
N GLY A 18 -13.05 -37.17 9.32
CA GLY A 18 -11.89 -37.03 8.42
C GLY A 18 -10.77 -36.08 8.85
N ASP A 19 -10.88 -35.49 10.02
CA ASP A 19 -9.71 -34.74 10.55
C ASP A 19 -8.56 -35.70 10.76
N PRO A 20 -7.31 -35.22 10.55
CA PRO A 20 -6.21 -36.03 11.07
C PRO A 20 -6.25 -36.07 12.60
N SER A 21 -5.36 -36.86 13.20
CA SER A 21 -5.39 -37.14 14.59
C SER A 21 -4.51 -36.15 15.33
N TYR A 22 -4.28 -34.99 14.72
CA TYR A 22 -3.52 -33.95 15.38
C TYR A 22 -4.18 -32.60 15.05
N PRO A 23 -3.88 -31.56 15.87
CA PRO A 23 -4.36 -30.28 15.41
C PRO A 23 -3.64 -29.93 14.10
N HIS A 24 -4.28 -29.09 13.31
CA HIS A 24 -3.87 -28.91 11.95
C HIS A 24 -4.38 -27.55 11.43
N ILE A 25 -3.64 -26.98 10.50
CA ILE A 25 -4.21 -26.05 9.52
C ILE A 25 -4.75 -26.75 8.23
N GLY A 26 -5.91 -26.35 7.74
CA GLY A 26 -6.52 -27.01 6.62
C GLY A 26 -6.99 -26.04 5.56
N ILE A 27 -6.97 -26.47 4.30
CA ILE A 27 -7.70 -25.71 3.29
C ILE A 27 -9.09 -26.39 3.07
N ASP A 28 -10.18 -25.66 3.32
CA ASP A 28 -11.52 -26.18 3.12
C ASP A 28 -12.20 -25.53 1.93
N ILE A 29 -12.65 -26.37 1.02
CA ILE A 29 -13.37 -25.97 -0.17
C ILE A 29 -14.69 -26.68 -0.13
N LYS A 30 -15.72 -25.99 0.36
CA LYS A 30 -17.11 -26.42 0.33
C LYS A 30 -17.35 -27.63 1.21
N SER A 31 -16.37 -28.01 2.01
CA SER A 31 -16.50 -29.03 3.03
C SER A 31 -15.63 -28.68 4.23
N VAL A 32 -16.11 -28.97 5.43
CA VAL A 32 -15.30 -28.95 6.67
C VAL A 32 -14.13 -29.98 6.64
N ARG A 33 -14.22 -30.93 5.70
CA ARG A 33 -13.16 -31.92 5.54
C ARG A 33 -12.13 -31.33 4.64
N SER A 34 -11.00 -30.96 5.24
CA SER A 34 -10.02 -30.18 4.55
C SER A 34 -9.52 -30.95 3.33
N LYS A 35 -9.30 -30.24 2.22
CA LYS A 35 -8.71 -30.80 1.00
C LYS A 35 -7.25 -31.07 1.22
N LYS A 36 -6.61 -30.19 2.00
CA LYS A 36 -5.24 -30.34 2.37
C LYS A 36 -5.16 -29.90 3.83
N THR A 37 -4.40 -30.64 4.63
CA THR A 37 -4.06 -30.26 6.01
C THR A 37 -2.53 -30.33 6.18
N ALA A 38 -2.04 -29.68 7.21
CA ALA A 38 -0.69 -29.79 7.70
C ALA A 38 -0.81 -29.85 9.20
N LYS A 39 0.02 -30.70 9.82
CA LYS A 39 0.06 -30.77 11.25
C LYS A 39 0.48 -29.44 11.84
N TRP A 40 -0.22 -29.03 12.90
CA TRP A 40 0.02 -27.74 13.51
C TRP A 40 0.20 -27.93 15.00
N ASN A 41 1.34 -27.47 15.50
CA ASN A 41 1.52 -27.31 16.95
C ASN A 41 0.95 -25.98 17.45
N MET A 42 -0.34 -26.00 17.79
CA MET A 42 -1.00 -24.91 18.47
C MET A 42 -0.21 -24.63 19.76
N GLN A 43 0.26 -23.38 19.92
CA GLN A 43 1.02 -23.05 21.13
C GLN A 43 0.07 -22.36 22.08
N ASN A 44 -0.33 -23.08 23.11
CA ASN A 44 -1.48 -22.68 23.91
C ASN A 44 -1.15 -21.38 24.63
N GLY A 45 -2.04 -20.41 24.53
CA GLY A 45 -1.80 -19.12 25.15
C GLY A 45 -0.79 -18.21 24.51
N LYS A 46 -0.19 -18.61 23.38
CA LYS A 46 0.70 -17.71 22.64
C LYS A 46 -0.08 -17.04 21.53
N VAL A 47 0.38 -15.85 21.14
CA VAL A 47 -0.14 -15.17 19.94
C VAL A 47 0.41 -15.76 18.62
N GLY A 48 -0.51 -16.35 17.86
CA GLY A 48 -0.13 -16.88 16.57
C GLY A 48 -0.47 -15.87 15.49
N THR A 49 0.18 -16.04 14.34
CA THR A 49 -0.12 -15.33 13.12
C THR A 49 -0.45 -16.36 12.02
N ALA A 50 -1.57 -16.10 11.35
CA ALA A 50 -1.91 -16.81 10.14
C ALA A 50 -1.83 -15.82 8.99
N HIS A 51 -1.22 -16.25 7.89
CA HIS A 51 -1.19 -15.50 6.63
C HIS A 51 -1.75 -16.44 5.56
N ILE A 52 -2.67 -15.94 4.75
CA ILE A 52 -3.38 -16.68 3.73
C ILE A 52 -3.14 -15.91 2.44
N ILE A 53 -2.62 -16.62 1.43
CA ILE A 53 -2.40 -16.02 0.15
C ILE A 53 -3.06 -16.82 -0.97
N TYR A 54 -3.63 -16.10 -1.92
CA TYR A 54 -4.06 -16.68 -3.16
C TYR A 54 -3.90 -15.67 -4.31
N ASN A 55 -3.51 -16.12 -5.49
CA ASN A 55 -3.76 -15.30 -6.67
C ASN A 55 -4.26 -16.20 -7.78
N SER A 56 -4.93 -15.61 -8.75
CA SER A 56 -5.47 -16.41 -9.82
C SER A 56 -4.45 -16.78 -10.91
N VAL A 57 -3.15 -16.48 -10.73
CA VAL A 57 -2.16 -16.88 -11.77
C VAL A 57 -1.67 -18.28 -11.39
N GLY A 58 -1.14 -18.42 -10.18
CA GLY A 58 -0.66 -19.71 -9.70
C GLY A 58 -1.83 -20.56 -9.28
N LYS A 59 -2.95 -19.92 -8.94
CA LYS A 59 -4.13 -20.59 -8.38
C LYS A 59 -3.82 -21.48 -7.15
N ARG A 60 -2.89 -21.03 -6.35
CA ARG A 60 -2.53 -21.76 -5.18
C ARG A 60 -3.00 -21.03 -3.92
N LEU A 61 -3.91 -21.65 -3.21
CA LEU A 61 -4.33 -21.16 -1.94
C LEU A 61 -3.41 -21.67 -0.87
N SER A 62 -2.62 -20.75 -0.33
CA SER A 62 -1.63 -21.05 0.69
C SER A 62 -1.92 -20.38 2.01
N ALA A 63 -1.59 -21.07 3.09
CA ALA A 63 -1.76 -20.55 4.41
C ALA A 63 -0.55 -20.99 5.24
N VAL A 64 -0.01 -20.07 6.02
CA VAL A 64 0.94 -20.38 7.09
C VAL A 64 0.42 -19.87 8.40
N VAL A 65 0.71 -20.64 9.43
CA VAL A 65 0.47 -20.22 10.80
C VAL A 65 1.76 -20.31 11.59
N SER A 66 2.16 -19.21 12.21
CA SER A 66 3.45 -19.12 12.93
C SER A 66 3.24 -18.51 14.30
N TYR A 67 4.23 -18.74 15.17
CA TYR A 67 4.26 -18.17 16.49
C TYR A 67 5.65 -17.56 16.57
N PRO A 68 5.82 -16.54 17.46
CA PRO A 68 7.13 -15.88 17.63
C PRO A 68 8.32 -16.82 17.89
N ASN A 69 8.14 -17.95 18.56
CA ASN A 69 9.30 -18.89 18.66
C ASN A 69 9.80 -19.42 17.32
N GLY A 70 8.94 -19.41 16.30
CA GLY A 70 9.30 -19.75 14.92
C GLY A 70 8.76 -21.05 14.35
N ASP A 71 8.11 -21.85 15.21
CA ASP A 71 7.17 -22.91 14.85
C ASP A 71 6.24 -22.32 13.79
N SER A 72 6.26 -22.86 12.58
CA SER A 72 5.17 -22.57 11.65
C SER A 72 4.74 -23.86 11.02
N ALA A 73 3.48 -23.84 10.58
CA ALA A 73 2.85 -24.87 9.79
C ALA A 73 2.28 -24.22 8.54
N THR A 74 2.57 -24.83 7.39
CA THR A 74 2.14 -24.32 6.09
C THR A 74 1.27 -25.31 5.39
N VAL A 75 0.23 -24.83 4.74
CA VAL A 75 -0.62 -25.67 3.89
C VAL A 75 -0.93 -24.92 2.59
N SER A 76 -0.92 -25.65 1.48
CA SER A 76 -1.31 -25.10 0.16
C SER A 76 -2.16 -26.11 -0.63
N TYR A 77 -3.11 -25.61 -1.36
CA TYR A 77 -3.94 -26.42 -2.25
C TYR A 77 -4.16 -25.59 -3.48
N ASP A 78 -3.72 -26.10 -4.63
CA ASP A 78 -4.18 -25.58 -5.92
C ASP A 78 -5.64 -25.87 -6.15
N VAL A 79 -6.36 -24.78 -6.39
CA VAL A 79 -7.76 -24.80 -6.59
C VAL A 79 -8.08 -23.51 -7.35
N ASP A 80 -8.98 -23.62 -8.30
CA ASP A 80 -9.42 -22.47 -9.08
C ASP A 80 -10.66 -21.80 -8.42
N LEU A 81 -10.47 -20.73 -7.68
CA LEU A 81 -11.56 -20.15 -6.92
C LEU A 81 -12.64 -19.54 -7.77
N ASP A 82 -12.33 -19.33 -9.06
CA ASP A 82 -13.34 -18.78 -10.05
C ASP A 82 -14.50 -19.70 -10.19
N ASN A 83 -14.23 -20.97 -9.89
CA ASN A 83 -15.15 -22.05 -10.10
C ASN A 83 -15.76 -22.44 -8.80
N VAL A 84 -15.31 -21.85 -7.71
CA VAL A 84 -15.81 -22.22 -6.37
C VAL A 84 -16.66 -21.04 -5.88
N LEU A 85 -16.03 -19.87 -5.85
CA LEU A 85 -16.66 -18.70 -5.25
C LEU A 85 -17.55 -17.94 -6.18
N PRO A 86 -18.66 -17.35 -5.62
CA PRO A 86 -19.40 -16.37 -6.38
C PRO A 86 -18.49 -15.20 -6.66
N GLU A 87 -18.84 -14.41 -7.65
CA GLU A 87 -18.00 -13.25 -8.01
C GLU A 87 -17.78 -12.28 -6.86
N TRP A 88 -18.85 -12.14 -6.09
CA TRP A 88 -18.85 -11.17 -5.04
C TRP A 88 -19.05 -11.97 -3.81
N VAL A 89 -18.30 -11.63 -2.79
CA VAL A 89 -18.27 -12.37 -1.53
C VAL A 89 -18.19 -11.46 -0.31
N ARG A 90 -18.36 -12.04 0.87
CA ARG A 90 -17.88 -11.40 2.05
C ARG A 90 -16.79 -12.24 2.62
N VAL A 91 -15.86 -11.58 3.30
CA VAL A 91 -14.73 -12.28 3.90
C VAL A 91 -14.90 -12.20 5.40
N GLY A 92 -14.42 -13.22 6.10
CA GLY A 92 -14.61 -13.13 7.52
C GLY A 92 -13.72 -14.05 8.27
N LEU A 93 -13.92 -13.99 9.58
CA LEU A 93 -13.19 -14.84 10.52
C LEU A 93 -14.26 -15.57 11.30
N SER A 94 -14.03 -16.80 11.65
CA SER A 94 -15.05 -17.57 12.28
C SER A 94 -14.35 -18.40 13.31
N ALA A 95 -15.04 -18.68 14.39
CA ALA A 95 -14.50 -19.66 15.34
C ALA A 95 -15.64 -20.37 16.02
N SER A 96 -15.28 -21.42 16.77
CA SER A 96 -16.29 -22.23 17.42
C SER A 96 -15.64 -22.97 18.55
N THR A 97 -16.50 -23.38 19.46
CA THR A 97 -16.17 -24.31 20.52
C THR A 97 -17.34 -25.29 20.55
N GLY A 98 -17.15 -26.48 21.12
CA GLY A 98 -18.25 -27.44 21.25
C GLY A 98 -18.25 -27.96 22.67
N LEU A 99 -18.03 -29.27 22.85
CA LEU A 99 -17.81 -29.84 24.19
C LEU A 99 -16.57 -29.23 24.84
N TYR A 100 -15.48 -29.18 24.08
CA TYR A 100 -14.28 -28.50 24.52
C TYR A 100 -14.20 -27.11 23.94
N LYS A 101 -13.31 -26.30 24.49
CA LYS A 101 -13.37 -24.85 24.22
C LYS A 101 -12.02 -24.23 24.40
N GLU A 102 -11.90 -22.96 23.98
CA GLU A 102 -10.70 -22.21 23.96
C GLU A 102 -11.11 -20.77 23.76
N THR A 103 -10.26 -19.82 24.12
CA THR A 103 -10.57 -18.49 23.66
C THR A 103 -10.22 -18.48 22.18
N ASN A 104 -10.97 -17.73 21.41
CA ASN A 104 -10.67 -17.61 20.00
C ASN A 104 -10.51 -16.11 19.72
N THR A 105 -9.47 -15.56 20.31
CA THR A 105 -9.20 -14.14 20.35
C THR A 105 -8.46 -13.66 19.13
N ILE A 106 -9.03 -12.66 18.47
CA ILE A 106 -8.41 -12.08 17.29
C ILE A 106 -7.83 -10.78 17.76
N LEU A 107 -6.54 -10.60 17.52
CA LEU A 107 -5.91 -9.35 17.86
C LEU A 107 -5.65 -8.43 16.66
N SER A 108 -5.70 -8.98 15.45
CA SER A 108 -5.58 -8.15 14.25
C SER A 108 -6.06 -8.98 13.08
N TRP A 109 -6.51 -8.29 12.04
CA TRP A 109 -6.96 -8.90 10.84
C TRP A 109 -6.76 -7.89 9.75
N SER A 110 -6.03 -8.32 8.74
CA SER A 110 -5.90 -7.50 7.54
C SER A 110 -6.33 -8.36 6.33
N PHE A 111 -6.81 -7.68 5.30
CA PHE A 111 -7.29 -8.34 4.15
C PHE A 111 -6.99 -7.42 3.01
N THR A 112 -6.47 -7.97 1.93
CA THR A 112 -6.34 -7.21 0.67
C THR A 112 -6.82 -8.06 -0.47
N SER A 113 -7.63 -7.44 -1.33
CA SER A 113 -8.02 -8.05 -2.54
C SER A 113 -7.74 -7.10 -3.71
N LYS A 114 -7.31 -7.66 -4.85
CA LYS A 114 -7.03 -6.86 -6.03
C LYS A 114 -7.43 -7.62 -7.26
N LEU A 115 -7.94 -6.85 -8.22
CA LEU A 115 -8.24 -7.30 -9.58
C LEU A 115 -7.43 -6.39 -10.49
N LYS A 116 -6.43 -6.97 -11.15
CA LYS A 116 -5.53 -6.24 -12.00
C LYS A 116 -5.84 -6.61 -13.41
N SER A 117 -5.80 -5.64 -14.33
CA SER A 117 -5.67 -6.00 -15.76
C SER A 117 -4.36 -5.55 -16.32
N ASN A 118 -4.38 -4.52 -17.17
CA ASN A 118 -3.20 -4.14 -17.98
C ASN A 118 -2.30 -2.95 -17.52
N SER A 119 -2.11 -2.84 -16.20
CA SER A 119 -1.15 -1.88 -15.62
C SER A 119 -0.73 -2.28 -14.20
N THR A 123 -6.49 -1.45 -11.78
CA THR A 123 -6.79 -2.31 -10.67
C THR A 123 -8.09 -1.82 -9.96
N ASN A 124 -8.90 -2.76 -9.48
CA ASN A 124 -9.83 -2.54 -8.39
C ASN A 124 -9.23 -3.24 -7.17
N ALA A 125 -9.41 -2.67 -5.97
CA ALA A 125 -8.79 -3.24 -4.77
C ALA A 125 -9.56 -2.81 -3.57
N LEU A 126 -9.56 -3.72 -2.62
CA LEU A 126 -10.00 -3.51 -1.27
C LEU A 126 -8.87 -3.89 -0.36
N HIS A 127 -8.59 -3.01 0.59
CA HIS A 127 -7.65 -3.36 1.64
C HIS A 127 -8.24 -2.83 2.97
N PHE A 128 -8.25 -3.68 4.01
CA PHE A 128 -8.57 -3.24 5.36
C PHE A 128 -7.61 -3.86 6.31
N VAL A 129 -7.25 -3.08 7.32
CA VAL A 129 -6.46 -3.59 8.42
C VAL A 129 -7.21 -3.21 9.70
N PHE A 130 -7.38 -4.18 10.59
CA PHE A 130 -7.80 -3.89 11.99
C PHE A 130 -6.65 -4.35 12.89
N ASN A 131 -6.02 -3.41 13.54
CA ASN A 131 -5.13 -3.72 14.62
C ASN A 131 -5.83 -3.51 15.95
N GLN A 132 -6.95 -2.84 15.93
CA GLN A 132 -7.65 -2.59 17.14
C GLN A 132 -9.11 -2.70 16.83
N PHE A 133 -9.82 -3.55 17.55
CA PHE A 133 -11.22 -3.70 17.27
C PHE A 133 -11.92 -2.83 18.28
N SER A 134 -13.01 -2.22 17.87
CA SER A 134 -13.56 -1.27 18.79
C SER A 134 -14.88 -1.81 19.17
N LYS A 135 -15.36 -1.34 20.32
CA LYS A 135 -16.60 -1.71 20.93
C LYS A 135 -17.75 -1.72 19.96
N ASP A 136 -17.87 -0.69 19.13
CA ASP A 136 -18.94 -0.73 18.17
C ASP A 136 -18.28 -0.58 16.76
N GLN A 137 -17.82 -1.68 16.22
CA GLN A 137 -16.93 -1.67 15.06
C GLN A 137 -17.84 -1.71 13.88
N LYS A 138 -18.15 -0.54 13.33
CA LYS A 138 -19.27 -0.48 12.39
C LYS A 138 -19.01 -1.10 11.05
N ASP A 139 -17.74 -1.23 10.69
CA ASP A 139 -17.40 -1.96 9.42
C ASP A 139 -17.28 -3.49 9.54
N LEU A 140 -17.72 -4.06 10.66
CA LEU A 140 -17.75 -5.55 10.81
C LEU A 140 -19.12 -6.00 11.07
N ILE A 141 -19.49 -7.10 10.42
CA ILE A 141 -20.75 -7.72 10.68
C ILE A 141 -20.38 -8.80 11.64
N LEU A 142 -20.85 -8.67 12.88
CA LEU A 142 -20.59 -9.68 13.92
C LEU A 142 -21.74 -10.65 14.02
N GLN A 143 -21.41 -11.93 13.90
CA GLN A 143 -22.48 -12.92 13.96
C GLN A 143 -22.29 -13.87 15.13
N GLY A 144 -23.39 -14.46 15.63
CA GLY A 144 -23.34 -15.35 16.79
C GLY A 144 -22.75 -14.67 18.02
N ASP A 145 -21.69 -15.27 18.54
CA ASP A 145 -21.17 -14.87 19.87
C ASP A 145 -20.01 -13.92 19.78
N ALA A 146 -19.72 -13.49 18.56
CA ALA A 146 -18.56 -12.65 18.32
C ALA A 146 -18.87 -11.29 18.95
N THR A 147 -17.86 -10.76 19.65
CA THR A 147 -17.91 -9.47 20.28
C THR A 147 -16.60 -8.77 20.11
N THR A 148 -16.62 -7.45 20.10
CA THR A 148 -15.41 -6.66 20.09
C THR A 148 -15.22 -5.85 21.39
N GLY A 149 -13.95 -5.43 21.64
CA GLY A 149 -13.53 -4.13 22.33
C GLY A 149 -14.14 -4.01 23.69
N THR A 150 -13.47 -3.46 24.70
CA THR A 150 -12.69 -2.24 24.80
C THR A 150 -11.18 -2.53 24.85
N ASP A 151 -10.88 -3.81 25.09
CA ASP A 151 -9.57 -4.34 25.10
C ASP A 151 -8.94 -4.42 23.70
N GLY A 152 -9.65 -3.95 22.68
CA GLY A 152 -9.08 -3.87 21.34
C GLY A 152 -9.09 -5.19 20.61
N ASN A 153 -9.71 -6.23 21.18
CA ASN A 153 -9.72 -7.57 20.55
C ASN A 153 -11.09 -7.91 19.97
N LEU A 154 -11.09 -8.86 19.05
CA LEU A 154 -12.30 -9.50 18.60
C LEU A 154 -12.42 -10.88 19.29
N GLU A 155 -13.43 -11.10 20.14
CA GLU A 155 -13.61 -12.46 20.69
C GLU A 155 -14.62 -13.20 19.87
N LEU A 156 -14.17 -14.07 18.98
CA LEU A 156 -15.13 -14.78 18.12
C LEU A 156 -16.12 -15.60 18.89
N THR A 157 -15.66 -16.24 19.96
CA THR A 157 -16.52 -17.07 20.76
C THR A 157 -16.48 -16.59 22.22
N ARG A 158 -17.47 -17.07 22.96
CA ARG A 158 -17.73 -16.68 24.35
C ARG A 158 -16.62 -16.96 25.30
N VAL A 159 -16.28 -15.91 26.01
CA VAL A 159 -15.31 -16.01 27.08
C VAL A 159 -16.12 -15.50 28.26
N SER A 160 -16.04 -16.25 29.36
CA SER A 160 -16.71 -15.92 30.62
C SER A 160 -16.02 -14.77 31.29
N SER A 161 -16.80 -14.14 32.16
CA SER A 161 -16.35 -13.05 33.01
C SER A 161 -15.01 -13.35 33.64
N ASN A 162 -14.80 -14.60 34.05
CA ASN A 162 -13.59 -15.04 34.75
C ASN A 162 -12.46 -15.47 33.80
N GLY A 163 -12.67 -15.24 32.50
CA GLY A 163 -11.68 -15.54 31.48
C GLY A 163 -11.83 -16.89 30.87
N SER A 164 -12.65 -17.75 31.50
CA SER A 164 -12.80 -19.13 30.98
C SER A 164 -13.65 -19.12 29.69
N PRO A 165 -13.11 -19.67 28.58
CA PRO A 165 -13.85 -19.82 27.33
C PRO A 165 -15.05 -20.74 27.54
N GLN A 166 -16.15 -20.48 26.85
CA GLN A 166 -17.31 -21.34 27.02
C GLN A 166 -17.42 -22.32 25.87
N GLY A 167 -17.93 -23.54 26.13
CA GLY A 167 -18.20 -24.50 25.09
C GLY A 167 -19.46 -24.09 24.34
N SER A 168 -19.79 -24.80 23.25
CA SER A 168 -21.02 -24.58 22.42
C SER A 168 -21.17 -23.11 22.01
N SER A 169 -20.05 -22.51 21.61
CA SER A 169 -20.05 -21.10 21.19
C SER A 169 -19.62 -21.04 19.72
N VAL A 170 -20.19 -20.12 18.98
CA VAL A 170 -19.76 -19.90 17.62
C VAL A 170 -19.95 -18.39 17.39
N GLY A 171 -18.99 -17.75 16.75
CA GLY A 171 -19.16 -16.37 16.36
C GLY A 171 -18.33 -16.12 15.14
N ARG A 172 -18.72 -15.12 14.38
CA ARG A 172 -17.98 -14.75 13.15
C ARG A 172 -17.99 -13.23 13.02
N ALA A 173 -16.91 -12.72 12.42
CA ALA A 173 -16.80 -11.34 11.98
C ALA A 173 -16.64 -11.33 10.49
N LEU A 174 -17.51 -10.61 9.77
CA LEU A 174 -17.35 -10.41 8.33
C LEU A 174 -17.13 -8.94 8.02
N PHE A 175 -16.23 -8.63 7.09
CA PHE A 175 -16.05 -7.26 6.69
C PHE A 175 -17.32 -6.74 6.05
N TYR A 176 -17.67 -5.52 6.41
CA TYR A 176 -18.94 -4.97 6.04
C TYR A 176 -19.22 -4.96 4.51
N ALA A 177 -18.25 -4.52 3.75
CA ALA A 177 -18.42 -4.39 2.32
C ALA A 177 -18.24 -5.73 1.66
N PRO A 178 -19.07 -5.97 0.64
CA PRO A 178 -18.81 -7.05 -0.29
C PRO A 178 -17.46 -6.89 -0.96
N VAL A 179 -16.78 -8.03 -1.15
CA VAL A 179 -15.51 -8.02 -1.87
C VAL A 179 -15.69 -8.58 -3.27
N HIS A 180 -15.07 -7.93 -4.25
CA HIS A 180 -15.07 -8.44 -5.63
C HIS A 180 -13.89 -9.35 -5.83
N ILE A 181 -14.09 -10.64 -5.55
CA ILE A 181 -13.02 -11.61 -5.42
C ILE A 181 -12.52 -12.16 -6.76
N TRP A 182 -13.40 -12.33 -7.72
CA TRP A 182 -12.92 -12.58 -9.08
C TRP A 182 -13.70 -11.69 -10.07
N GLU A 183 -13.12 -11.43 -11.24
CA GLU A 183 -13.83 -10.68 -12.29
C GLU A 183 -13.29 -11.17 -13.62
N SER A 184 -14.17 -11.57 -14.54
CA SER A 184 -13.73 -12.28 -15.74
C SER A 184 -12.70 -11.57 -16.61
N SER A 185 -12.80 -10.24 -16.70
CA SER A 185 -11.87 -9.46 -17.50
C SER A 185 -10.50 -9.18 -16.80
N ALA A 186 -10.37 -9.55 -15.53
CA ALA A 186 -9.14 -9.29 -14.79
C ALA A 186 -8.07 -10.29 -15.21
N VAL A 187 -6.83 -9.82 -15.35
CA VAL A 187 -5.74 -10.76 -15.65
C VAL A 187 -5.13 -11.41 -14.37
N VAL A 188 -5.20 -10.70 -13.24
CA VAL A 188 -4.80 -11.25 -11.95
C VAL A 188 -5.92 -10.87 -10.96
N ALA A 189 -6.40 -11.85 -10.22
CA ALA A 189 -7.18 -11.60 -9.03
C ALA A 189 -6.30 -12.19 -7.92
N SER A 190 -6.04 -11.42 -6.89
CA SER A 190 -5.31 -11.97 -5.75
C SER A 190 -6.00 -11.53 -4.47
N PHE A 191 -5.80 -12.31 -3.43
CA PHE A 191 -6.13 -11.87 -2.10
C PHE A 191 -5.12 -12.38 -1.10
N ASP A 192 -4.90 -11.61 -0.07
CA ASP A 192 -4.31 -12.16 1.10
C ASP A 192 -4.95 -11.67 2.35
N ALA A 193 -4.75 -12.44 3.38
CA ALA A 193 -5.34 -12.16 4.64
C ALA A 193 -4.26 -12.46 5.65
N THR A 194 -4.29 -11.74 6.76
CA THR A 194 -3.41 -12.00 7.85
C THR A 194 -4.29 -11.79 9.02
N PHE A 195 -4.19 -12.65 9.99
CA PHE A 195 -4.74 -12.33 11.27
C PHE A 195 -3.83 -12.87 12.35
N THR A 196 -3.84 -12.21 13.52
CA THR A 196 -3.16 -12.73 14.72
C THR A 196 -4.22 -13.13 15.70
N PHE A 197 -3.93 -14.14 16.52
CA PHE A 197 -4.97 -14.77 17.34
C PHE A 197 -4.31 -15.28 18.61
N LEU A 198 -5.13 -15.52 19.62
CA LEU A 198 -4.63 -15.98 20.84
C LEU A 198 -5.61 -17.04 21.26
N ILE A 199 -5.24 -18.29 21.07
CA ILE A 199 -6.07 -19.44 21.49
C ILE A 199 -5.50 -19.95 22.80
N LYS A 200 -6.29 -19.81 23.84
CA LYS A 200 -5.84 -20.29 25.13
C LYS A 200 -6.88 -21.27 25.65
N SER A 201 -6.40 -22.35 26.21
CA SER A 201 -7.24 -23.37 26.75
C SER A 201 -6.60 -23.87 28.05
N SER A 202 -7.45 -24.32 28.96
CA SER A 202 -7.04 -24.77 30.32
C SER A 202 -6.94 -26.27 30.61
N ASP A 203 -7.61 -27.12 29.84
CA ASP A 203 -7.65 -28.54 30.25
C ASP A 203 -7.18 -29.54 29.20
N SER A 204 -7.81 -30.73 29.22
CA SER A 204 -7.58 -31.86 28.27
C SER A 204 -8.33 -31.56 26.92
N HIS A 205 -7.86 -30.50 26.23
CA HIS A 205 -8.84 -29.47 25.85
C HIS A 205 -9.05 -28.56 24.64
N PRO A 206 -8.03 -28.02 23.93
CA PRO A 206 -8.52 -26.92 23.07
C PRO A 206 -9.47 -27.39 21.95
N ALA A 207 -10.53 -26.61 21.75
CA ALA A 207 -11.45 -26.81 20.66
C ALA A 207 -12.16 -25.50 20.43
N ASP A 208 -12.73 -25.26 19.25
CA ASP A 208 -12.55 -26.06 18.05
C ASP A 208 -11.66 -25.52 16.95
N GLY A 209 -11.45 -24.21 16.92
CA GLY A 209 -10.46 -23.65 16.00
C GLY A 209 -10.91 -22.32 15.53
N ILE A 210 -10.12 -21.73 14.65
CA ILE A 210 -10.46 -20.44 14.04
C ILE A 210 -10.33 -20.65 12.54
N ALA A 211 -11.23 -20.06 11.76
CA ALA A 211 -11.09 -20.04 10.31
C ALA A 211 -11.10 -18.59 9.74
N PHE A 212 -10.26 -18.32 8.72
CA PHE A 212 -10.52 -17.21 7.81
C PHE A 212 -11.37 -17.80 6.69
N PHE A 213 -12.49 -17.17 6.33
CA PHE A 213 -13.35 -17.77 5.33
C PHE A 213 -13.80 -16.75 4.31
N ILE A 214 -14.28 -17.29 3.18
CA ILE A 214 -14.76 -16.46 2.16
C ILE A 214 -16.09 -17.08 1.81
N SER A 215 -17.11 -16.25 1.74
CA SER A 215 -18.40 -16.83 1.50
C SER A 215 -19.23 -15.94 0.66
N ASN A 216 -20.39 -16.45 0.24
CA ASN A 216 -21.42 -15.57 -0.30
C ASN A 216 -21.69 -14.37 0.59
N ILE A 217 -22.11 -13.31 -0.06
CA ILE A 217 -22.35 -12.04 0.59
C ILE A 217 -23.28 -12.12 1.84
N ASP A 218 -24.34 -12.89 1.70
CA ASP A 218 -25.33 -13.05 2.75
C ASP A 218 -25.03 -14.25 3.63
N SER A 219 -23.78 -14.68 3.63
CA SER A 219 -23.43 -15.84 4.41
C SER A 219 -23.82 -15.58 5.87
N SER A 220 -24.33 -16.63 6.49
CA SER A 220 -24.81 -16.61 7.85
C SER A 220 -24.27 -17.85 8.55
N ILE A 221 -24.10 -17.79 9.88
CA ILE A 221 -23.73 -18.94 10.68
C ILE A 221 -24.75 -20.06 10.43
N PRO A 222 -24.29 -21.17 9.86
CA PRO A 222 -25.27 -22.28 9.69
C PRO A 222 -25.75 -22.76 11.08
N SER A 223 -27.05 -22.97 11.20
CA SER A 223 -27.61 -23.61 12.41
C SER A 223 -26.88 -24.90 12.82
N GLY A 224 -26.55 -24.99 14.11
CA GLY A 224 -25.76 -26.06 14.73
C GLY A 224 -24.27 -26.08 14.41
N SER A 225 -23.75 -25.01 13.82
CA SER A 225 -22.32 -25.02 13.37
C SER A 225 -21.32 -24.70 14.47
N THR A 226 -21.73 -24.80 15.72
CA THR A 226 -20.76 -24.90 16.80
C THR A 226 -19.81 -26.11 16.65
N GLY A 227 -18.81 -26.23 17.52
CA GLY A 227 -17.99 -27.41 17.50
C GLY A 227 -17.25 -27.56 16.18
N ARG A 228 -17.22 -28.79 15.67
CA ARG A 228 -16.30 -29.16 14.64
C ARG A 228 -16.54 -28.52 13.28
N LEU A 229 -17.68 -27.83 13.16
CA LEU A 229 -18.19 -27.21 11.93
C LEU A 229 -17.72 -25.75 11.81
N LEU A 230 -17.13 -25.27 12.91
CA LEU A 230 -16.33 -24.04 12.95
C LEU A 230 -17.10 -22.80 12.57
N GLY A 231 -18.43 -22.89 12.70
CA GLY A 231 -19.31 -21.81 12.30
C GLY A 231 -19.40 -21.62 10.80
N LEU A 232 -18.90 -22.60 10.04
CA LEU A 232 -18.72 -22.51 8.59
C LEU A 232 -19.74 -23.33 7.77
N PHE A 233 -20.06 -24.54 8.27
CA PHE A 233 -20.73 -25.58 7.49
C PHE A 233 -21.99 -26.04 8.15
N PRO A 234 -23.01 -26.41 7.36
CA PRO A 234 -24.25 -26.95 8.01
C PRO A 234 -24.14 -28.39 8.54
N ASP A 235 -23.11 -29.09 8.11
CA ASP A 235 -23.01 -30.53 8.32
C ASP A 235 -21.58 -30.86 8.00
N ALA A 236 -21.22 -32.12 8.26
CA ALA A 236 -19.82 -32.51 8.22
C ALA A 236 -19.46 -33.20 6.92
N ASN A 237 -20.32 -33.09 5.92
CA ASN A 237 -20.13 -33.77 4.67
C ASN A 237 -18.88 -33.30 3.98
N ALA B 1 -30.82 16.33 9.69
CA ALA B 1 -30.02 16.72 8.49
C ALA B 1 -28.64 16.05 8.56
N ASP B 2 -28.09 15.64 7.42
CA ASP B 2 -26.79 14.98 7.38
C ASP B 2 -25.70 15.98 7.72
N THR B 3 -24.53 15.47 8.06
CA THR B 3 -23.38 16.34 8.28
C THR B 3 -22.53 16.11 7.05
N ILE B 4 -22.03 17.16 6.43
CA ILE B 4 -21.29 17.03 5.19
C ILE B 4 -19.98 17.76 5.31
N VAL B 5 -18.90 17.04 5.04
CA VAL B 5 -17.64 17.64 4.63
C VAL B 5 -17.55 17.30 3.13
N ALA B 6 -17.35 18.27 2.26
CA ALA B 6 -17.19 17.93 0.86
C ALA B 6 -16.07 18.73 0.24
N VAL B 7 -15.48 18.19 -0.82
CA VAL B 7 -14.68 18.97 -1.70
C VAL B 7 -15.53 19.04 -3.00
N GLU B 8 -15.90 20.26 -3.40
CA GLU B 8 -16.75 20.39 -4.54
C GLU B 8 -15.93 20.84 -5.71
N LEU B 9 -16.27 20.29 -6.87
CA LEU B 9 -15.79 20.81 -8.12
C LEU B 9 -17.03 21.39 -8.71
N ASP B 10 -17.19 22.71 -8.52
CA ASP B 10 -18.43 23.41 -8.78
C ASP B 10 -18.28 24.14 -10.11
N THR B 11 -19.05 23.65 -11.06
CA THR B 11 -18.89 24.08 -12.45
C THR B 11 -19.77 25.31 -12.75
N TYR B 12 -20.73 25.59 -11.87
CA TYR B 12 -21.73 26.59 -12.17
C TYR B 12 -21.77 27.60 -11.04
N PRO B 13 -21.42 28.87 -11.34
CA PRO B 13 -21.44 29.90 -10.31
C PRO B 13 -22.84 30.29 -9.95
N ASN B 14 -23.22 30.00 -8.70
CA ASN B 14 -24.45 30.39 -8.07
C ASN B 14 -24.10 31.56 -7.12
N THR B 15 -23.94 32.74 -7.72
CA THR B 15 -23.58 33.97 -7.03
C THR B 15 -24.66 34.46 -6.08
N ASP B 16 -25.89 34.00 -6.24
CA ASP B 16 -26.89 34.36 -5.28
C ASP B 16 -26.81 33.53 -4.00
N ILE B 17 -25.99 32.45 -3.99
CA ILE B 17 -25.72 31.70 -2.76
C ILE B 17 -24.21 31.66 -2.38
N GLY B 18 -23.46 32.70 -2.77
CA GLY B 18 -22.05 32.85 -2.29
C GLY B 18 -20.95 32.19 -3.12
N ASP B 19 -21.31 31.55 -4.22
CA ASP B 19 -20.31 31.11 -5.17
C ASP B 19 -19.54 32.34 -5.68
N PRO B 20 -18.22 32.17 -5.89
CA PRO B 20 -17.59 33.21 -6.68
C PRO B 20 -18.21 33.14 -8.05
N SER B 21 -17.94 34.16 -8.85
CA SER B 21 -18.52 34.26 -10.15
C SER B 21 -17.73 33.48 -11.20
N TYR B 22 -17.05 32.40 -10.81
CA TYR B 22 -16.33 31.57 -11.76
C TYR B 22 -16.46 30.11 -11.28
N PRO B 23 -16.32 29.15 -12.23
CA PRO B 23 -16.09 27.78 -11.74
C PRO B 23 -14.90 27.72 -10.77
N HIS B 24 -15.08 26.86 -9.77
CA HIS B 24 -14.20 26.83 -8.65
C HIS B 24 -14.19 25.41 -8.03
N ILE B 25 -13.05 25.04 -7.45
CA ILE B 25 -13.02 24.02 -6.44
C ILE B 25 -13.27 24.65 -5.08
N GLY B 26 -13.96 23.93 -4.21
CA GLY B 26 -14.26 24.48 -2.93
C GLY B 26 -14.20 23.51 -1.78
N ILE B 27 -13.90 24.02 -0.61
CA ILE B 27 -14.06 23.17 0.57
C ILE B 27 -15.36 23.51 1.33
N ASP B 28 -16.26 22.52 1.42
CA ASP B 28 -17.50 22.72 2.08
C ASP B 28 -17.58 21.99 3.43
N ILE B 29 -17.82 22.73 4.48
CA ILE B 29 -17.97 22.21 5.83
C ILE B 29 -19.34 22.63 6.27
N LYS B 30 -20.24 21.66 6.28
CA LYS B 30 -21.60 21.78 6.72
C LYS B 30 -22.37 22.89 6.04
N SER B 31 -21.89 23.38 4.89
CA SER B 31 -22.65 24.29 4.07
C SER B 31 -22.23 24.12 2.63
N VAL B 32 -23.19 24.24 1.72
CA VAL B 32 -22.83 24.39 0.28
C VAL B 32 -21.97 25.65 -0.01
N ARG B 33 -21.99 26.64 0.88
CA ARG B 33 -21.19 27.84 0.63
C ARG B 33 -19.82 27.56 1.14
N SER B 34 -18.89 27.33 0.23
CA SER B 34 -17.58 26.85 0.58
C SER B 34 -16.88 27.74 1.55
N LYS B 35 -16.16 27.10 2.47
CA LYS B 35 -15.28 27.84 3.39
C LYS B 35 -14.14 28.47 2.66
N LYS B 36 -13.65 27.79 1.64
CA LYS B 36 -12.54 28.27 0.86
C LYS B 36 -12.79 27.79 -0.55
N THR B 37 -12.44 28.60 -1.55
CA THR B 37 -12.59 28.22 -2.97
C THR B 37 -11.32 28.62 -3.68
N ALA B 38 -11.08 28.02 -4.84
CA ALA B 38 -10.07 28.47 -5.76
C ALA B 38 -10.72 28.44 -7.10
N LYS B 39 -10.35 29.39 -7.94
CA LYS B 39 -10.82 29.43 -9.30
C LYS B 39 -10.32 28.24 -10.04
N TRP B 40 -11.22 27.64 -10.79
CA TRP B 40 -10.94 26.40 -11.46
C TRP B 40 -11.31 26.59 -12.91
N ASN B 41 -10.37 26.30 -13.79
CA ASN B 41 -10.71 26.24 -15.21
C ASN B 41 -11.09 24.80 -15.60
N MET B 42 -12.39 24.48 -15.48
CA MET B 42 -12.90 23.22 -15.95
C MET B 42 -12.57 23.13 -17.44
N GLN B 43 -11.91 22.02 -17.83
CA GLN B 43 -11.60 21.78 -19.23
C GLN B 43 -12.62 20.83 -19.81
N ASN B 44 -13.48 21.37 -20.65
CA ASN B 44 -14.70 20.69 -21.09
C ASN B 44 -14.36 19.44 -21.94
N GLY B 45 -14.87 18.29 -21.51
CA GLY B 45 -14.65 17.06 -22.23
C GLY B 45 -13.30 16.41 -22.02
N LYS B 46 -12.48 16.97 -21.13
CA LYS B 46 -11.20 16.37 -20.74
C LYS B 46 -11.34 15.63 -19.41
N VAL B 47 -10.54 14.60 -19.27
CA VAL B 47 -10.40 13.87 -18.00
C VAL B 47 -9.54 14.62 -16.95
N GLY B 48 -10.24 14.96 -15.88
CA GLY B 48 -9.66 15.64 -14.77
C GLY B 48 -9.36 14.66 -13.64
N THR B 49 -8.40 15.06 -12.81
CA THR B 49 -8.08 14.40 -11.60
C THR B 49 -8.23 15.33 -10.42
N ALA B 50 -8.95 14.86 -9.42
CA ALA B 50 -9.06 15.52 -8.14
C ALA B 50 -8.37 14.66 -7.12
N HIS B 51 -7.49 15.27 -6.32
CA HIS B 51 -6.95 14.59 -5.16
C HIS B 51 -7.31 15.40 -3.90
N ILE B 52 -7.71 14.70 -2.85
CA ILE B 52 -8.16 15.25 -1.58
C ILE B 52 -7.32 14.62 -0.49
N ILE B 53 -6.75 15.49 0.34
CA ILE B 53 -5.84 15.12 1.40
C ILE B 53 -6.30 15.69 2.70
N TYR B 54 -6.33 14.87 3.72
CA TYR B 54 -6.40 15.38 5.07
C TYR B 54 -5.63 14.51 6.08
N ASN B 55 -4.97 15.11 7.05
CA ASN B 55 -4.59 14.34 8.22
C ASN B 55 -4.87 15.10 9.51
N SER B 56 -5.06 14.39 10.60
CA SER B 56 -5.30 15.07 11.89
C SER B 56 -4.09 15.75 12.57
N VAL B 57 -2.89 15.71 11.98
CA VAL B 57 -1.71 16.42 12.57
C VAL B 57 -1.81 17.88 12.08
N GLY B 58 -1.66 18.05 10.77
CA GLY B 58 -1.75 19.35 10.14
C GLY B 58 -3.17 19.88 10.12
N LYS B 59 -4.16 18.99 10.17
CA LYS B 59 -5.59 19.36 10.03
C LYS B 59 -5.85 20.28 8.85
N ARG B 60 -5.12 20.08 7.79
CA ARG B 60 -5.35 20.87 6.59
C ARG B 60 -6.08 19.97 5.55
N LEU B 61 -7.31 20.33 5.25
CA LEU B 61 -8.05 19.68 4.19
C LEU B 61 -7.65 20.31 2.88
N SER B 62 -6.99 19.56 2.03
CA SER B 62 -6.49 20.08 0.80
C SER B 62 -7.08 19.32 -0.37
N ALA B 63 -7.32 20.03 -1.46
CA ALA B 63 -7.71 19.38 -2.69
C ALA B 63 -6.96 20.05 -3.86
N VAL B 64 -6.54 19.23 -4.83
CA VAL B 64 -6.09 19.69 -6.13
C VAL B 64 -7.00 19.10 -7.17
N VAL B 65 -7.30 19.87 -8.20
CA VAL B 65 -7.90 19.35 -9.41
C VAL B 65 -7.02 19.70 -10.63
N SER B 66 -6.65 18.69 -11.41
CA SER B 66 -5.67 18.84 -12.48
C SER B 66 -6.21 18.18 -13.70
N TYR B 67 -5.69 18.64 -14.83
CA TYR B 67 -5.98 18.04 -16.10
C TYR B 67 -4.61 17.76 -16.73
N PRO B 68 -4.54 16.85 -17.71
CA PRO B 68 -3.20 16.44 -18.16
C PRO B 68 -2.37 17.52 -18.87
N ASN B 69 -2.98 18.55 -19.42
CA ASN B 69 -2.18 19.69 -19.91
C ASN B 69 -1.41 20.42 -18.83
N GLY B 70 -1.80 20.23 -17.58
CA GLY B 70 -1.08 20.85 -16.46
C GLY B 70 -1.83 21.85 -15.59
N ASP B 71 -2.91 22.42 -16.13
CA ASP B 71 -3.79 23.33 -15.39
C ASP B 71 -4.13 22.57 -14.09
N SER B 72 -3.78 23.13 -12.95
CA SER B 72 -4.39 22.62 -11.72
C SER B 72 -4.95 23.75 -10.92
N ALA B 73 -5.95 23.47 -10.11
CA ALA B 73 -6.44 24.40 -9.11
C ALA B 73 -6.33 23.67 -7.78
N THR B 74 -5.86 24.40 -6.76
CA THR B 74 -5.81 23.82 -5.42
C THR B 74 -6.47 24.71 -4.40
N VAL B 75 -7.03 24.06 -3.41
CA VAL B 75 -7.74 24.74 -2.33
C VAL B 75 -7.41 24.00 -1.03
N SER B 76 -7.22 24.72 0.04
CA SER B 76 -7.03 24.10 1.37
C SER B 76 -7.78 24.91 2.43
N TYR B 77 -8.19 24.23 3.46
CA TYR B 77 -8.79 24.86 4.60
C TYR B 77 -8.40 24.04 5.77
N ASP B 78 -7.67 24.67 6.68
CA ASP B 78 -7.50 24.14 8.04
C ASP B 78 -8.83 24.07 8.80
N VAL B 79 -9.18 22.85 9.18
CA VAL B 79 -10.43 22.55 9.85
C VAL B 79 -10.23 21.27 10.67
N ASP B 80 -10.68 21.29 11.91
CA ASP B 80 -10.53 20.13 12.76
C ASP B 80 -11.77 19.21 12.59
N LEU B 81 -11.61 18.22 11.73
CA LEU B 81 -12.70 17.33 11.35
C LEU B 81 -13.24 16.47 12.50
N ASP B 82 -12.44 16.31 13.54
CA ASP B 82 -12.88 15.66 14.83
C ASP B 82 -14.06 16.31 15.40
N ASN B 83 -14.22 17.58 15.07
CA ASN B 83 -15.28 18.41 15.61
C ASN B 83 -16.40 18.60 14.65
N VAL B 84 -16.28 18.06 13.44
CA VAL B 84 -17.30 18.23 12.39
C VAL B 84 -17.99 16.86 12.15
N LEU B 85 -17.16 15.84 12.03
CA LEU B 85 -17.61 14.59 11.48
C LEU B 85 -17.95 13.62 12.59
N PRO B 86 -18.99 12.77 12.37
CA PRO B 86 -19.18 11.65 13.31
C PRO B 86 -17.96 10.78 13.23
N GLU B 87 -17.72 9.97 14.25
CA GLU B 87 -16.57 9.07 14.27
C GLU B 87 -16.58 8.13 13.06
N TRP B 88 -17.79 7.71 12.73
CA TRP B 88 -18.01 6.74 11.70
C TRP B 88 -18.82 7.41 10.64
N VAL B 89 -18.37 7.26 9.42
CA VAL B 89 -18.95 7.96 8.32
C VAL B 89 -19.08 7.04 7.10
N ARG B 90 -19.75 7.51 6.06
CA ARG B 90 -19.56 6.96 4.72
C ARG B 90 -18.95 8.00 3.86
N VAL B 91 -18.24 7.55 2.84
CA VAL B 91 -17.53 8.46 1.93
C VAL B 91 -18.18 8.26 0.58
N GLY B 92 -18.19 9.30 -0.24
CA GLY B 92 -18.98 9.20 -1.41
C GLY B 92 -18.57 10.18 -2.46
N LEU B 93 -19.19 10.01 -3.60
CA LEU B 93 -19.00 10.90 -4.72
C LEU B 93 -20.42 11.39 -5.04
N SER B 94 -20.56 12.69 -5.26
CA SER B 94 -21.85 13.26 -5.52
C SER B 94 -21.76 14.17 -6.73
N ALA B 95 -22.82 14.20 -7.52
CA ALA B 95 -22.93 15.18 -8.59
C ALA B 95 -24.38 15.58 -8.79
N SER B 96 -24.58 16.70 -9.45
CA SER B 96 -25.91 17.19 -9.72
C SER B 96 -25.88 18.04 -11.01
N THR B 97 -27.09 18.29 -11.51
CA THR B 97 -27.36 19.15 -12.66
C THR B 97 -28.68 19.81 -12.27
N GLY B 98 -28.99 20.97 -12.84
CA GLY B 98 -30.23 21.68 -12.49
C GLY B 98 -30.79 22.16 -13.81
N LEU B 99 -30.98 23.47 -13.97
CA LEU B 99 -31.37 24.03 -15.30
C LEU B 99 -30.31 23.70 -16.36
N TYR B 100 -29.04 23.85 -15.98
CA TYR B 100 -27.96 23.45 -16.81
C TYR B 100 -27.38 22.12 -16.37
N LYS B 101 -26.58 21.55 -17.26
CA LYS B 101 -26.23 20.12 -17.11
C LYS B 101 -24.88 19.81 -17.70
N GLU B 102 -24.34 18.65 -17.32
CA GLU B 102 -23.09 18.20 -17.81
C GLU B 102 -23.08 16.72 -17.50
N THR B 103 -22.22 15.97 -18.17
CA THR B 103 -22.01 14.59 -17.76
C THR B 103 -21.18 14.70 -16.50
N ASN B 104 -21.47 13.88 -15.50
CA ASN B 104 -20.65 13.85 -14.32
C ASN B 104 -20.09 12.44 -14.19
N THR B 105 -19.26 12.10 -15.17
CA THR B 105 -18.69 10.78 -15.36
C THR B 105 -17.47 10.56 -14.46
N ILE B 106 -17.56 9.52 -13.63
CA ILE B 106 -16.41 9.10 -12.84
C ILE B 106 -15.71 7.96 -13.52
N LEU B 107 -14.42 8.13 -13.77
CA LEU B 107 -13.66 7.03 -14.34
C LEU B 107 -12.81 6.22 -13.35
N SER B 108 -12.51 6.76 -12.18
CA SER B 108 -11.78 6.01 -11.13
C SER B 108 -12.05 6.71 -9.82
N TRP B 109 -11.94 6.00 -8.70
CA TRP B 109 -12.10 6.60 -7.38
C TRP B 109 -11.36 5.69 -6.46
N SER B 110 -10.45 6.33 -5.73
CA SER B 110 -9.69 5.66 -4.69
C SER B 110 -9.80 6.47 -3.39
N PHE B 111 -9.66 5.74 -2.29
CA PHE B 111 -9.88 6.26 -0.98
C PHE B 111 -9.02 5.50 -0.02
N THR B 112 -8.37 6.19 0.90
CA THR B 112 -7.63 5.50 1.99
C THR B 112 -7.88 6.30 3.24
N SER B 113 -8.29 5.62 4.32
CA SER B 113 -8.27 6.22 5.63
C SER B 113 -7.35 5.40 6.52
N LYS B 114 -6.70 6.07 7.47
CA LYS B 114 -5.89 5.34 8.43
C LYS B 114 -6.00 6.01 9.75
N LEU B 115 -5.93 5.17 10.77
CA LEU B 115 -5.86 5.55 12.18
C LEU B 115 -4.59 4.89 12.71
N LYS B 116 -3.57 5.69 13.02
CA LYS B 116 -2.32 5.29 13.66
C LYS B 116 -2.23 6.05 14.99
N SER B 117 -1.33 5.81 15.93
CA SER B 117 -1.09 4.56 16.65
C SER B 117 -2.18 4.67 17.74
N ASN B 118 -1.99 5.28 18.93
CA ASN B 118 -0.88 5.14 19.92
C ASN B 118 -1.40 5.51 21.33
N GLU B 122 -1.95 0.13 17.06
CA GLU B 122 -1.33 0.45 15.75
C GLU B 122 -2.41 0.95 14.73
N THR B 123 -2.26 0.56 13.46
CA THR B 123 -3.03 1.17 12.39
C THR B 123 -4.28 0.36 12.07
N ASN B 124 -5.40 1.06 12.05
CA ASN B 124 -6.62 0.63 11.40
C ASN B 124 -6.66 1.40 10.09
N ALA B 125 -7.09 0.72 9.01
CA ALA B 125 -7.03 1.32 7.68
C ALA B 125 -8.09 0.71 6.82
N LEU B 126 -8.60 1.54 5.92
CA LEU B 126 -9.39 1.10 4.82
C LEU B 126 -8.78 1.74 3.60
N HIS B 127 -8.64 0.95 2.55
CA HIS B 127 -8.29 1.50 1.26
C HIS B 127 -9.22 0.84 0.22
N PHE B 128 -9.73 1.60 -0.73
CA PHE B 128 -10.32 1.01 -1.89
C PHE B 128 -9.91 1.77 -3.13
N VAL B 129 -9.94 1.05 -4.23
CA VAL B 129 -9.70 1.63 -5.52
C VAL B 129 -10.68 1.04 -6.51
N PHE B 130 -11.25 1.95 -7.29
CA PHE B 130 -12.06 1.55 -8.43
C PHE B 130 -11.46 2.24 -9.62
N ASN B 131 -10.90 1.46 -10.53
CA ASN B 131 -10.56 1.93 -11.85
C ASN B 131 -11.58 1.45 -12.87
N GLN B 132 -12.31 0.43 -12.54
CA GLN B 132 -13.41 0.08 -13.37
C GLN B 132 -14.62 -0.10 -12.48
N PHE B 133 -15.76 0.45 -12.88
CA PHE B 133 -16.97 0.29 -12.14
C PHE B 133 -17.71 -0.80 -12.85
N SER B 134 -18.47 -1.59 -12.12
CA SER B 134 -19.07 -2.71 -12.77
C SER B 134 -20.54 -2.48 -12.74
N LYS B 135 -21.23 -3.10 -13.70
CA LYS B 135 -22.69 -3.03 -13.81
C LYS B 135 -23.40 -3.29 -12.50
N ASP B 136 -22.94 -4.26 -11.73
CA ASP B 136 -23.58 -4.49 -10.46
C ASP B 136 -22.44 -4.38 -9.42
N GLN B 137 -22.28 -3.19 -8.88
CA GLN B 137 -21.10 -2.90 -8.12
C GLN B 137 -21.53 -3.01 -6.70
N LYS B 138 -21.30 -4.17 -6.11
CA LYS B 138 -21.90 -4.49 -4.84
C LYS B 138 -21.39 -3.74 -3.63
N ASP B 139 -20.16 -3.22 -3.72
CA ASP B 139 -19.59 -2.40 -2.62
C ASP B 139 -19.80 -0.88 -2.77
N LEU B 140 -20.69 -0.49 -3.68
CA LEU B 140 -21.13 0.91 -3.76
C LEU B 140 -22.59 0.98 -3.57
N ILE B 141 -22.99 1.93 -2.73
CA ILE B 141 -24.36 2.30 -2.53
C ILE B 141 -24.64 3.40 -3.53
N LEU B 142 -25.41 3.09 -4.57
CA LEU B 142 -25.85 4.10 -5.54
C LEU B 142 -27.14 4.75 -5.17
N GLN B 143 -27.09 6.08 -5.13
CA GLN B 143 -28.25 6.87 -4.76
C GLN B 143 -28.67 7.79 -5.90
N GLY B 144 -29.98 8.11 -5.96
CA GLY B 144 -30.56 8.95 -6.99
C GLY B 144 -30.33 8.37 -8.38
N ASP B 145 -29.79 9.16 -9.30
CA ASP B 145 -29.57 8.79 -10.70
C ASP B 145 -28.26 8.12 -11.01
N ALA B 146 -27.48 7.84 -9.98
CA ALA B 146 -26.11 7.35 -10.17
C ALA B 146 -26.26 5.96 -10.76
N THR B 147 -25.45 5.64 -11.75
CA THR B 147 -25.54 4.33 -12.38
C THR B 147 -24.17 3.88 -12.73
N THR B 148 -23.95 2.58 -12.70
CA THR B 148 -22.70 2.04 -13.22
C THR B 148 -22.92 1.37 -14.58
N GLY B 149 -21.95 1.56 -15.47
CA GLY B 149 -22.05 1.16 -16.87
C GLY B 149 -22.40 -0.30 -16.95
N THR B 150 -21.50 -1.12 -17.48
CA THR B 150 -20.34 -0.70 -18.24
C THR B 150 -20.61 0.31 -19.39
N ASP B 151 -19.60 0.61 -20.23
CA ASP B 151 -18.29 1.21 -20.04
C ASP B 151 -17.30 1.26 -18.84
N GLY B 152 -17.58 0.65 -17.70
CA GLY B 152 -16.62 0.73 -16.61
C GLY B 152 -16.62 2.04 -15.88
N ASN B 153 -17.60 2.88 -16.17
CA ASN B 153 -17.68 4.19 -15.53
C ASN B 153 -18.84 4.29 -14.58
N LEU B 154 -18.75 5.27 -13.72
CA LEU B 154 -19.84 5.63 -12.81
C LEU B 154 -20.46 6.97 -13.29
N GLU B 155 -21.71 6.95 -13.76
CA GLU B 155 -22.34 8.19 -14.23
C GLU B 155 -23.12 8.67 -13.05
N LEU B 156 -22.62 9.69 -12.36
CA LEU B 156 -23.36 10.13 -11.14
C LEU B 156 -24.73 10.67 -11.45
N THR B 157 -24.87 11.36 -12.57
CA THR B 157 -26.14 11.95 -12.98
C THR B 157 -26.47 11.43 -14.40
N ARG B 158 -27.71 11.66 -14.77
CA ARG B 158 -28.33 11.11 -15.96
C ARG B 158 -27.73 11.63 -17.25
N VAL B 159 -27.42 10.68 -18.10
CA VAL B 159 -26.96 10.93 -19.41
C VAL B 159 -27.99 10.19 -20.25
N SER B 160 -28.47 10.87 -21.29
CA SER B 160 -29.41 10.35 -22.29
C SER B 160 -28.73 9.36 -23.18
N SER B 161 -29.56 8.51 -23.78
CA SER B 161 -29.14 7.56 -24.84
C SER B 161 -28.21 8.20 -25.85
N ASN B 162 -28.55 9.44 -26.27
CA ASN B 162 -27.84 10.12 -27.36
C ASN B 162 -26.55 10.83 -26.89
N GLY B 163 -26.15 10.49 -25.67
CA GLY B 163 -25.02 11.14 -24.99
C GLY B 163 -25.36 12.34 -24.16
N SER B 164 -26.55 12.90 -24.37
CA SER B 164 -26.88 14.21 -23.80
C SER B 164 -27.11 14.18 -22.29
N PRO B 165 -26.28 14.93 -21.51
CA PRO B 165 -26.54 14.97 -20.08
C PRO B 165 -27.89 15.63 -19.78
N GLN B 166 -28.53 15.16 -18.75
CA GLN B 166 -29.84 15.68 -18.41
C GLN B 166 -29.81 16.66 -17.24
N GLY B 167 -30.69 17.67 -17.30
CA GLY B 167 -30.83 18.62 -16.21
C GLY B 167 -31.60 17.97 -15.10
N SER B 168 -31.67 18.64 -13.97
CA SER B 168 -32.43 18.19 -12.76
C SER B 168 -32.15 16.74 -12.35
N SER B 169 -30.88 16.40 -12.44
CA SER B 169 -30.33 15.12 -12.03
C SER B 169 -29.41 15.25 -10.79
N VAL B 170 -29.43 14.21 -9.98
CA VAL B 170 -28.54 14.14 -8.86
C VAL B 170 -28.30 12.63 -8.60
N GLY B 171 -27.08 12.28 -8.27
CA GLY B 171 -26.78 10.91 -7.93
C GLY B 171 -25.51 10.92 -7.17
N ARG B 172 -25.37 9.87 -6.35
CA ARG B 172 -24.19 9.72 -5.50
C ARG B 172 -23.78 8.24 -5.43
N ALA B 173 -22.46 8.02 -5.32
CA ALA B 173 -21.92 6.69 -4.99
C ALA B 173 -21.27 6.78 -3.62
N LEU B 174 -21.64 5.88 -2.72
CA LEU B 174 -20.96 5.83 -1.44
C LEU B 174 -20.37 4.45 -1.26
N PHE B 175 -19.18 4.40 -0.68
CA PHE B 175 -18.60 3.14 -0.42
C PHE B 175 -19.44 2.39 0.61
N TYR B 176 -19.61 1.09 0.36
CA TYR B 176 -20.48 0.25 1.14
C TYR B 176 -20.17 0.20 2.66
N ALA B 177 -18.90 0.08 2.99
CA ALA B 177 -18.49 0.03 4.37
C ALA B 177 -18.44 1.39 5.01
N PRO B 178 -18.94 1.46 6.27
CA PRO B 178 -18.66 2.62 7.09
C PRO B 178 -17.15 2.78 7.23
N VAL B 179 -16.73 4.02 7.35
CA VAL B 179 -15.30 4.34 7.48
C VAL B 179 -15.09 4.92 8.86
N HIS B 180 -14.07 4.46 9.55
CA HIS B 180 -13.80 5.01 10.87
C HIS B 180 -12.87 6.18 10.68
N ILE B 181 -13.43 7.39 10.58
CA ILE B 181 -12.69 8.58 10.17
C ILE B 181 -11.82 9.20 11.25
N TRP B 182 -12.27 9.16 12.50
CA TRP B 182 -11.39 9.55 13.59
C TRP B 182 -11.64 8.61 14.74
N GLU B 183 -10.73 8.58 15.69
CA GLU B 183 -10.87 7.75 16.87
C GLU B 183 -9.96 8.46 17.87
N SER B 184 -10.48 8.77 19.06
CA SER B 184 -9.79 9.63 20.03
C SER B 184 -8.38 9.22 20.41
N SER B 185 -8.17 7.91 20.53
CA SER B 185 -6.89 7.31 20.88
C SER B 185 -5.87 7.29 19.73
N ALA B 186 -6.30 7.58 18.50
CA ALA B 186 -5.39 7.60 17.36
C ALA B 186 -4.48 8.82 17.44
N VAL B 187 -3.20 8.57 17.16
CA VAL B 187 -2.21 9.63 17.01
C VAL B 187 -2.36 10.43 15.68
N VAL B 188 -2.62 9.72 14.59
CA VAL B 188 -2.83 10.33 13.30
C VAL B 188 -4.07 9.67 12.73
N ALA B 189 -5.00 10.48 12.27
CA ALA B 189 -6.13 10.05 11.41
C ALA B 189 -5.84 10.77 10.12
N SER B 190 -5.84 10.02 9.02
CA SER B 190 -5.55 10.64 7.74
C SER B 190 -6.52 10.06 6.75
N PHE B 191 -6.93 10.86 5.78
CA PHE B 191 -7.56 10.28 4.63
C PHE B 191 -7.09 10.92 3.38
N ASP B 192 -7.16 10.18 2.31
CA ASP B 192 -7.07 10.75 0.99
C ASP B 192 -8.00 10.09 0.04
N ALA B 193 -8.34 10.85 -0.99
CA ALA B 193 -9.27 10.40 -1.97
C ALA B 193 -8.77 10.95 -3.24
N THR B 194 -8.94 10.17 -4.29
CA THR B 194 -8.71 10.69 -5.62
C THR B 194 -9.72 10.14 -6.51
N PHE B 195 -10.11 10.93 -7.50
CA PHE B 195 -11.05 10.44 -8.47
C PHE B 195 -10.72 11.12 -9.77
N THR B 196 -11.07 10.46 -10.88
CA THR B 196 -10.93 11.06 -12.19
C THR B 196 -12.32 11.17 -12.76
N PHE B 197 -12.55 12.18 -13.58
CA PHE B 197 -13.91 12.52 -13.92
C PHE B 197 -13.89 13.09 -15.33
N LEU B 198 -15.01 13.00 -16.01
CA LEU B 198 -15.12 13.54 -17.31
C LEU B 198 -16.34 14.44 -17.30
N ILE B 199 -16.12 15.75 -17.14
CA ILE B 199 -17.25 16.67 -17.20
C ILE B 199 -17.40 17.27 -18.60
N LYS B 200 -18.53 16.98 -19.21
CA LYS B 200 -18.73 17.44 -20.55
C LYS B 200 -20.08 18.10 -20.71
N SER B 201 -20.08 19.23 -21.41
CA SER B 201 -21.23 20.06 -21.60
C SER B 201 -21.17 20.59 -23.06
N SER B 202 -22.28 20.46 -23.78
CA SER B 202 -22.46 21.07 -25.11
C SER B 202 -23.05 22.47 -25.04
N ASP B 203 -23.77 22.69 -23.94
CA ASP B 203 -24.04 23.98 -23.30
C ASP B 203 -22.75 24.77 -22.90
N SER B 204 -22.71 26.07 -23.26
CA SER B 204 -21.71 27.02 -22.69
C SER B 204 -21.84 27.02 -21.16
N HIS B 205 -22.82 26.26 -20.68
CA HIS B 205 -23.19 26.27 -19.29
C HIS B 205 -23.12 24.86 -18.74
N PRO B 206 -21.90 24.39 -18.41
CA PRO B 206 -21.85 23.20 -17.57
C PRO B 206 -22.45 23.51 -16.19
N ALA B 207 -23.17 22.55 -15.63
CA ALA B 207 -23.66 22.58 -14.26
C ALA B 207 -23.93 21.16 -13.86
N ASP B 208 -23.95 20.86 -12.56
CA ASP B 208 -23.57 21.77 -11.50
C ASP B 208 -22.26 21.46 -10.81
N GLY B 209 -21.82 20.21 -10.94
CA GLY B 209 -20.47 19.87 -10.48
C GLY B 209 -20.44 18.52 -9.84
N ILE B 210 -19.30 18.18 -9.29
CA ILE B 210 -19.01 16.89 -8.67
C ILE B 210 -18.44 17.15 -7.29
N ALA B 211 -18.87 16.38 -6.31
CA ALA B 211 -18.18 16.47 -5.00
C ALA B 211 -17.66 15.10 -4.49
N PHE B 212 -16.51 15.10 -3.84
CA PHE B 212 -16.18 14.06 -2.91
C PHE B 212 -16.71 14.46 -1.52
N PHE B 213 -17.45 13.58 -0.87
CA PHE B 213 -18.03 14.01 0.38
C PHE B 213 -17.86 12.96 1.45
N ILE B 214 -17.97 13.45 2.69
CA ILE B 214 -17.92 12.59 3.83
C ILE B 214 -19.18 12.86 4.61
N SER B 215 -19.81 11.80 5.13
CA SER B 215 -21.17 11.96 5.57
C SER B 215 -21.45 11.05 6.72
N ASN B 216 -22.47 11.33 7.53
CA ASN B 216 -23.00 10.29 8.41
C ASN B 216 -23.29 9.05 7.59
N ILE B 217 -23.22 7.93 8.28
CA ILE B 217 -23.29 6.64 7.66
C ILE B 217 -24.59 6.42 6.84
N ASP B 218 -25.70 6.92 7.37
CA ASP B 218 -27.00 6.81 6.77
C ASP B 218 -27.27 7.99 5.83
N SER B 219 -26.24 8.71 5.49
CA SER B 219 -26.49 9.87 4.65
C SER B 219 -27.27 9.47 3.37
N SER B 220 -28.24 10.31 3.00
CA SER B 220 -28.94 10.16 1.71
C SER B 220 -29.06 11.52 1.02
N ILE B 221 -29.34 11.47 -0.28
CA ILE B 221 -29.57 12.63 -1.09
C ILE B 221 -30.69 13.43 -0.39
N PRO B 222 -30.35 14.66 0.05
CA PRO B 222 -31.43 15.54 0.56
C PRO B 222 -32.49 15.78 -0.54
N SER B 223 -33.77 15.71 -0.20
CA SER B 223 -34.83 16.11 -1.14
C SER B 223 -34.54 17.47 -1.72
N GLY B 224 -34.53 17.55 -3.05
CA GLY B 224 -34.36 18.82 -3.76
C GLY B 224 -32.92 19.30 -3.98
N SER B 225 -31.97 18.42 -3.66
CA SER B 225 -30.56 18.78 -3.74
C SER B 225 -29.99 18.59 -5.16
N THR B 226 -30.84 18.51 -6.17
CA THR B 226 -30.35 18.75 -7.52
C THR B 226 -29.77 20.16 -7.64
N GLY B 227 -29.10 20.43 -8.76
CA GLY B 227 -28.59 21.75 -9.06
C GLY B 227 -27.56 22.22 -8.04
N ARG B 228 -27.62 23.49 -7.68
CA ARG B 228 -26.55 24.09 -6.87
C ARG B 228 -26.19 23.42 -5.56
N LEU B 229 -27.04 22.51 -5.09
CA LEU B 229 -26.89 21.88 -3.77
C LEU B 229 -26.08 20.59 -3.87
N LEU B 230 -25.86 20.17 -5.12
CA LEU B 230 -24.85 19.13 -5.47
C LEU B 230 -25.12 17.75 -4.88
N GLY B 231 -26.40 17.41 -4.65
CA GLY B 231 -26.80 16.21 -3.94
C GLY B 231 -26.32 16.10 -2.51
N LEU B 232 -25.88 17.22 -1.95
CA LEU B 232 -25.20 17.26 -0.65
C LEU B 232 -25.99 17.90 0.49
N PHE B 233 -26.66 19.00 0.21
CA PHE B 233 -27.23 19.88 1.22
C PHE B 233 -28.72 20.01 1.02
N PRO B 234 -29.51 20.19 2.11
CA PRO B 234 -30.95 20.39 1.88
C PRO B 234 -31.37 21.80 1.46
N ASP B 235 -30.47 22.76 1.60
CA ASP B 235 -30.71 24.18 1.39
C ASP B 235 -29.37 24.81 1.11
N ALA B 236 -29.38 26.11 0.85
CA ALA B 236 -28.16 26.78 0.49
C ALA B 236 -27.60 27.62 1.62
N ASN B 237 -28.08 27.36 2.85
CA ASN B 237 -27.65 28.08 4.02
C ASN B 237 -26.12 27.96 4.21
N ALA C 1 29.84 -17.09 -10.72
CA ALA C 1 28.89 -16.49 -11.70
C ALA C 1 27.83 -15.69 -10.92
N ASP C 2 27.13 -14.79 -11.59
CA ASP C 2 25.93 -14.25 -10.94
C ASP C 2 24.98 -15.40 -10.63
N THR C 3 24.12 -15.21 -9.63
CA THR C 3 22.98 -16.10 -9.41
C THR C 3 21.79 -15.35 -9.99
N ILE C 4 21.04 -16.03 -10.84
CA ILE C 4 19.94 -15.42 -11.54
C ILE C 4 18.62 -16.17 -11.39
N VAL C 5 17.59 -15.46 -10.97
CA VAL C 5 16.20 -15.90 -11.08
C VAL C 5 15.53 -14.91 -12.04
N ALA C 6 14.74 -15.40 -12.99
CA ALA C 6 14.17 -14.51 -13.98
C ALA C 6 12.84 -15.05 -14.50
N VAL C 7 12.02 -14.11 -14.92
CA VAL C 7 10.88 -14.38 -15.73
C VAL C 7 11.16 -13.77 -17.10
N GLU C 8 11.46 -14.63 -18.08
CA GLU C 8 11.67 -14.19 -19.47
C GLU C 8 10.40 -14.17 -20.31
N LEU C 9 10.31 -13.13 -21.09
CA LEU C 9 9.39 -13.02 -22.21
C LEU C 9 10.28 -13.17 -23.45
N ASP C 10 10.38 -14.41 -23.93
CA ASP C 10 11.39 -14.76 -24.87
C ASP C 10 10.74 -14.76 -26.22
N THR C 11 11.18 -13.82 -27.06
CA THR C 11 10.45 -13.59 -28.30
C THR C 11 11.05 -14.46 -29.41
N TYR C 12 12.22 -15.05 -29.15
CA TYR C 12 12.93 -15.81 -30.18
C TYR C 12 13.26 -17.25 -29.78
N PRO C 13 12.72 -18.21 -30.53
CA PRO C 13 12.96 -19.63 -30.24
C PRO C 13 14.40 -20.07 -30.53
N ASN C 14 15.22 -20.21 -29.49
CA ASN C 14 16.55 -20.74 -29.60
C ASN C 14 16.47 -22.21 -29.21
N THR C 15 16.04 -23.04 -30.15
CA THR C 15 15.79 -24.44 -29.94
C THR C 15 17.06 -25.25 -29.80
N ASP C 16 18.20 -24.67 -30.18
CA ASP C 16 19.47 -25.37 -30.01
C ASP C 16 19.76 -25.43 -28.52
N ILE C 17 19.19 -24.48 -27.76
CA ILE C 17 19.45 -24.37 -26.31
C ILE C 17 18.19 -24.53 -25.46
N GLY C 18 17.21 -25.24 -26.01
CA GLY C 18 16.12 -25.68 -25.19
C GLY C 18 14.87 -24.84 -25.13
N ASP C 19 14.83 -23.70 -25.82
CA ASP C 19 13.60 -23.00 -26.00
C ASP C 19 12.56 -23.88 -26.68
N PRO C 20 11.29 -23.71 -26.31
CA PRO C 20 10.25 -24.32 -27.13
C PRO C 20 10.24 -23.65 -28.53
N SER C 21 9.51 -24.26 -29.46
CA SER C 21 9.57 -23.84 -30.87
C SER C 21 8.54 -22.77 -31.17
N TYR C 22 8.49 -21.75 -30.31
CA TYR C 22 7.56 -20.65 -30.42
C TYR C 22 8.01 -19.63 -29.35
N PRO C 23 7.66 -18.35 -29.52
CA PRO C 23 7.82 -17.37 -28.41
C PRO C 23 7.07 -17.80 -27.14
N HIS C 24 7.62 -17.48 -25.98
CA HIS C 24 7.19 -18.10 -24.77
C HIS C 24 7.56 -17.22 -23.60
N ILE C 25 6.83 -17.43 -22.52
CA ILE C 25 7.30 -16.97 -21.23
C ILE C 25 7.96 -18.09 -20.46
N GLY C 26 8.92 -17.78 -19.62
CA GLY C 26 9.51 -18.84 -18.86
C GLY C 26 10.01 -18.37 -17.54
N ILE C 27 10.28 -19.34 -16.69
CA ILE C 27 10.79 -19.08 -15.37
C ILE C 27 12.20 -19.67 -15.45
N ASP C 28 13.19 -18.78 -15.30
CA ASP C 28 14.62 -19.10 -15.35
C ASP C 28 15.24 -19.14 -13.98
N ILE C 29 15.64 -20.36 -13.63
CA ILE C 29 16.24 -20.58 -12.34
C ILE C 29 17.73 -20.97 -12.49
N LYS C 30 18.63 -20.00 -12.30
CA LYS C 30 20.07 -20.15 -12.44
C LYS C 30 20.49 -20.68 -13.81
N SER C 31 19.62 -20.52 -14.80
CA SER C 31 19.84 -21.04 -16.16
C SER C 31 18.94 -20.35 -17.19
N VAL C 32 19.48 -20.04 -18.38
CA VAL C 32 18.64 -19.53 -19.51
C VAL C 32 17.65 -20.58 -20.04
N ARG C 33 17.95 -21.84 -19.73
CA ARG C 33 17.11 -22.96 -20.04
C ARG C 33 15.97 -23.07 -19.04
N SER C 34 14.84 -22.50 -19.45
CA SER C 34 13.69 -22.32 -18.54
C SER C 34 13.30 -23.60 -17.81
N LYS C 35 12.93 -23.48 -16.53
CA LYS C 35 12.49 -24.64 -15.82
C LYS C 35 11.07 -24.94 -16.25
N LYS C 36 10.33 -23.90 -16.61
CA LYS C 36 8.96 -24.02 -17.12
C LYS C 36 8.74 -22.91 -18.16
N THR C 37 7.94 -23.19 -19.19
CA THR C 37 7.57 -22.26 -20.25
C THR C 37 6.08 -22.45 -20.57
N ALA C 38 5.50 -21.40 -21.15
CA ALA C 38 4.18 -21.44 -21.73
C ALA C 38 4.29 -20.74 -23.12
N LYS C 39 3.57 -21.21 -24.14
CA LYS C 39 3.53 -20.49 -25.43
C LYS C 39 3.02 -19.07 -25.25
N TRP C 40 3.72 -18.13 -25.85
CA TRP C 40 3.32 -16.77 -25.74
C TRP C 40 3.17 -16.14 -27.10
N ASN C 41 1.95 -15.67 -27.33
CA ASN C 41 1.75 -14.85 -28.52
C ASN C 41 2.06 -13.38 -28.23
N MET C 42 3.30 -13.00 -28.44
CA MET C 42 3.72 -11.61 -28.42
C MET C 42 2.94 -10.86 -29.49
N GLN C 43 2.24 -9.79 -29.08
CA GLN C 43 1.55 -8.89 -29.99
C GLN C 43 2.45 -7.71 -30.34
N ASN C 44 2.90 -7.70 -31.58
CA ASN C 44 3.93 -6.78 -32.03
C ASN C 44 3.45 -5.32 -32.03
N GLY C 45 4.22 -4.45 -31.37
CA GLY C 45 3.85 -3.04 -31.20
C GLY C 45 2.62 -2.80 -30.36
N LYS C 46 2.21 -3.81 -29.61
CA LYS C 46 1.18 -3.59 -28.61
C LYS C 46 1.85 -3.44 -27.24
N VAL C 47 1.14 -2.82 -26.31
CA VAL C 47 1.59 -2.75 -24.93
C VAL C 47 1.15 -3.98 -24.17
N GLY C 48 2.12 -4.71 -23.61
CA GLY C 48 1.83 -5.90 -22.83
C GLY C 48 2.07 -5.58 -21.38
N THR C 49 1.58 -6.46 -20.49
CA THR C 49 1.76 -6.32 -19.03
C THR C 49 2.24 -7.65 -18.54
N ALA C 50 3.39 -7.67 -17.85
CA ALA C 50 3.83 -8.85 -17.20
C ALA C 50 3.61 -8.70 -15.69
N HIS C 51 3.08 -9.74 -15.08
CA HIS C 51 2.83 -9.78 -13.65
C HIS C 51 3.56 -10.98 -13.13
N ILE C 52 4.47 -10.73 -12.19
CA ILE C 52 5.26 -11.79 -11.55
C ILE C 52 4.94 -11.84 -10.06
N ILE C 53 4.63 -13.01 -9.54
CA ILE C 53 4.33 -13.08 -8.15
C ILE C 53 5.09 -14.22 -7.56
N TYR C 54 5.77 -13.98 -6.44
CA TYR C 54 6.30 -15.12 -5.76
C TYR C 54 5.72 -15.19 -4.41
N ASN C 55 5.22 -16.38 -4.14
CA ASN C 55 4.54 -16.74 -2.95
C ASN C 55 5.55 -17.60 -2.15
N SER C 56 6.16 -17.00 -1.13
CA SER C 56 7.02 -17.67 -0.15
C SER C 56 6.35 -18.87 0.59
N VAL C 57 5.06 -18.77 0.86
CA VAL C 57 4.36 -19.83 1.57
C VAL C 57 4.05 -20.97 0.58
N GLY C 58 3.57 -20.57 -0.58
CA GLY C 58 3.18 -21.49 -1.62
C GLY C 58 4.37 -22.01 -2.33
N LYS C 59 5.51 -21.36 -2.14
CA LYS C 59 6.77 -21.70 -2.83
C LYS C 59 6.59 -21.83 -4.35
N ARG C 60 6.04 -20.78 -4.95
CA ARG C 60 5.64 -20.87 -6.33
C ARG C 60 5.86 -19.51 -6.99
N LEU C 61 6.64 -19.53 -8.06
CA LEU C 61 6.89 -18.33 -8.81
C LEU C 61 6.06 -18.43 -10.07
N SER C 62 5.21 -17.41 -10.23
CA SER C 62 4.17 -17.35 -11.22
C SER C 62 4.27 -16.09 -12.06
N ALA C 63 4.01 -16.23 -13.34
CA ALA C 63 3.97 -15.06 -14.23
C ALA C 63 2.77 -15.16 -15.17
N VAL C 64 2.13 -14.04 -15.42
CA VAL C 64 1.25 -13.83 -16.54
C VAL C 64 1.79 -12.65 -17.36
N VAL C 65 1.52 -12.73 -18.66
CA VAL C 65 1.82 -11.69 -19.66
C VAL C 65 0.54 -11.65 -20.49
N SER C 66 -0.05 -10.47 -20.52
CA SER C 66 -1.25 -10.21 -21.23
C SER C 66 -1.14 -8.92 -22.05
N TYR C 67 -2.11 -8.78 -22.94
CA TYR C 67 -2.21 -7.68 -23.81
C TYR C 67 -3.66 -7.28 -23.63
N PRO C 68 -3.99 -6.05 -23.97
CA PRO C 68 -5.34 -5.54 -23.82
C PRO C 68 -6.46 -6.39 -24.44
N ASN C 69 -6.23 -7.12 -25.52
CA ASN C 69 -7.33 -7.95 -26.03
C ASN C 69 -7.77 -9.10 -25.13
N GLY C 70 -7.03 -9.35 -24.06
CA GLY C 70 -7.34 -10.46 -23.16
C GLY C 70 -6.46 -11.67 -23.33
N ASP C 71 -5.67 -11.70 -24.38
CA ASP C 71 -4.79 -12.81 -24.61
C ASP C 71 -3.69 -12.87 -23.54
N SER C 72 -3.63 -13.97 -22.82
CA SER C 72 -2.60 -14.08 -21.80
C SER C 72 -1.78 -15.35 -21.90
N ALA C 73 -0.55 -15.32 -21.38
CA ALA C 73 0.20 -16.56 -21.17
C ALA C 73 0.59 -16.65 -19.71
N THR C 74 0.61 -17.86 -19.17
CA THR C 74 0.82 -18.05 -17.74
C THR C 74 1.86 -19.16 -17.49
N VAL C 75 2.76 -18.92 -16.55
CA VAL C 75 3.67 -19.96 -16.20
C VAL C 75 3.89 -19.93 -14.68
N SER C 76 3.91 -21.08 -14.02
CA SER C 76 4.21 -21.17 -12.62
C SER C 76 5.30 -22.19 -12.49
N TYR C 77 6.18 -21.99 -11.53
CA TYR C 77 7.14 -22.97 -11.22
C TYR C 77 7.24 -23.03 -9.70
N ASP C 78 7.14 -24.26 -9.19
CA ASP C 78 7.27 -24.58 -7.81
C ASP C 78 8.74 -24.55 -7.42
N VAL C 79 9.08 -23.62 -6.53
CA VAL C 79 10.48 -23.38 -6.22
C VAL C 79 10.60 -22.61 -4.88
N ASP C 80 11.52 -23.06 -4.05
CA ASP C 80 11.85 -22.39 -2.81
C ASP C 80 13.05 -21.52 -3.09
N LEU C 81 12.80 -20.22 -3.10
CA LEU C 81 13.81 -19.25 -3.48
C LEU C 81 14.80 -19.06 -2.35
N ASP C 82 14.47 -19.51 -1.14
CA ASP C 82 15.43 -19.55 0.01
C ASP C 82 16.70 -20.32 -0.35
N ASN C 83 16.55 -21.31 -1.23
CA ASN C 83 17.63 -22.22 -1.65
C ASN C 83 18.33 -21.84 -2.94
N VAL C 84 17.97 -20.69 -3.50
CA VAL C 84 18.40 -20.26 -4.84
C VAL C 84 19.07 -18.89 -4.76
N LEU C 85 18.31 -17.92 -4.28
CA LEU C 85 18.80 -16.56 -4.26
C LEU C 85 19.71 -16.31 -3.06
N PRO C 86 20.65 -15.37 -3.20
CA PRO C 86 21.22 -14.94 -1.96
C PRO C 86 20.14 -14.12 -1.25
N GLU C 87 20.35 -13.89 0.03
CA GLU C 87 19.45 -13.16 0.92
C GLU C 87 19.25 -11.69 0.50
N TRP C 88 20.32 -11.03 0.04
CA TRP C 88 20.24 -9.70 -0.50
C TRP C 88 20.41 -9.76 -2.02
N VAL C 89 19.63 -8.95 -2.72
CA VAL C 89 19.56 -9.02 -4.17
C VAL C 89 19.34 -7.65 -4.73
N ARG C 90 19.54 -7.52 -6.04
CA ARG C 90 18.94 -6.44 -6.78
C ARG C 90 17.89 -6.96 -7.76
N VAL C 91 16.87 -6.16 -8.00
CA VAL C 91 15.85 -6.62 -8.88
C VAL C 91 15.96 -5.76 -10.08
N GLY C 92 15.59 -6.30 -11.23
CA GLY C 92 15.64 -5.45 -12.41
C GLY C 92 15.00 -6.02 -13.65
N LEU C 93 15.17 -5.28 -14.73
CA LEU C 93 14.62 -5.61 -16.03
C LEU C 93 15.81 -5.73 -16.97
N SER C 94 15.75 -6.72 -17.84
CA SER C 94 16.82 -6.97 -18.75
C SER C 94 16.19 -7.25 -20.09
N ALA C 95 16.85 -6.83 -21.16
CA ALA C 95 16.44 -7.20 -22.51
C ALA C 95 17.68 -7.32 -23.42
N SER C 96 17.51 -8.02 -24.53
CA SER C 96 18.60 -8.11 -25.50
C SER C 96 18.03 -8.24 -26.90
N THR C 97 18.85 -7.89 -27.86
CA THR C 97 18.69 -8.25 -29.28
C THR C 97 19.96 -9.05 -29.69
N GLY C 98 19.94 -9.69 -30.84
CA GLY C 98 21.16 -10.30 -31.34
C GLY C 98 21.24 -10.05 -32.82
N LEU C 99 21.14 -11.15 -33.56
CA LEU C 99 21.12 -11.13 -35.01
C LEU C 99 19.76 -10.65 -35.53
N TYR C 100 18.72 -10.86 -34.68
CA TYR C 100 17.39 -10.27 -34.90
C TYR C 100 17.06 -9.31 -33.76
N LYS C 101 16.07 -8.47 -33.96
CA LYS C 101 15.92 -7.36 -33.05
C LYS C 101 14.47 -6.95 -32.82
N GLU C 102 14.26 -6.20 -31.75
CA GLU C 102 12.95 -5.67 -31.41
C GLU C 102 13.21 -4.48 -30.47
N THR C 103 12.28 -3.53 -30.44
CA THR C 103 12.25 -2.60 -29.30
C THR C 103 12.00 -3.42 -28.04
N ASN C 104 12.69 -3.08 -26.96
CA ASN C 104 12.43 -3.66 -25.66
C ASN C 104 12.05 -2.53 -24.68
N THR C 105 10.94 -1.89 -24.97
CA THR C 105 10.53 -0.72 -24.22
C THR C 105 9.69 -1.08 -23.03
N ILE C 106 10.12 -0.56 -21.88
CA ILE C 106 9.39 -0.59 -20.61
C ILE C 106 8.62 0.74 -20.38
N LEU C 107 7.31 0.67 -20.22
CA LEU C 107 6.51 1.89 -20.05
C LEU C 107 6.18 2.12 -18.55
N SER C 108 6.29 1.07 -17.76
CA SER C 108 6.06 1.11 -16.32
C SER C 108 6.72 -0.11 -15.71
N TRP C 109 7.08 0.01 -14.43
CA TRP C 109 7.63 -1.10 -13.70
C TRP C 109 7.31 -0.89 -12.23
N SER C 110 6.69 -1.86 -11.57
CA SER C 110 6.54 -1.78 -10.10
C SER C 110 7.10 -3.05 -9.41
N PHE C 111 7.34 -2.96 -8.11
CA PHE C 111 7.91 -4.09 -7.42
C PHE C 111 7.60 -3.97 -5.97
N THR C 112 7.23 -5.08 -5.35
CA THR C 112 6.97 -5.08 -3.93
C THR C 112 7.59 -6.35 -3.41
N SER C 113 8.33 -6.26 -2.32
CA SER C 113 8.78 -7.40 -1.60
C SER C 113 8.44 -7.16 -0.15
N LYS C 114 8.15 -8.22 0.57
CA LYS C 114 7.87 -8.14 2.01
C LYS C 114 8.49 -9.33 2.70
N LEU C 115 9.15 -9.05 3.81
CA LEU C 115 9.62 -10.10 4.70
C LEU C 115 8.89 -9.90 5.96
N LYS C 116 8.03 -10.87 6.31
CA LYS C 116 7.27 -10.82 7.55
C LYS C 116 7.81 -11.78 8.59
N SER C 117 7.41 -11.55 9.84
CA SER C 117 7.35 -12.58 10.91
C SER C 117 5.97 -12.50 11.61
N THR C 123 7.71 -7.07 9.97
CA THR C 123 7.67 -6.84 8.51
C THR C 123 8.61 -5.73 7.97
N ASN C 124 9.60 -6.14 7.19
CA ASN C 124 10.30 -5.21 6.32
C ASN C 124 9.69 -5.26 4.91
N ALA C 125 9.69 -4.13 4.20
CA ALA C 125 9.15 -4.12 2.87
C ALA C 125 9.82 -3.09 2.00
N LEU C 126 9.71 -3.32 0.71
CA LEU C 126 10.18 -2.40 -0.29
C LEU C 126 9.14 -2.41 -1.39
N HIS C 127 8.79 -1.22 -1.82
CA HIS C 127 7.88 -1.13 -2.90
C HIS C 127 8.35 0.02 -3.75
N PHE C 128 8.35 -0.15 -5.05
CA PHE C 128 8.55 1.01 -5.89
C PHE C 128 7.70 0.88 -7.10
N VAL C 129 7.34 2.02 -7.66
CA VAL C 129 6.59 2.08 -8.88
C VAL C 129 7.18 3.13 -9.77
N PHE C 130 7.47 2.72 -11.00
CA PHE C 130 7.79 3.66 -12.05
C PHE C 130 6.69 3.65 -13.08
N ASN C 131 6.04 4.79 -13.27
CA ASN C 131 5.09 4.92 -14.37
C ASN C 131 5.66 5.83 -15.42
N GLN C 132 6.72 6.53 -15.04
CA GLN C 132 7.41 7.36 -15.97
C GLN C 132 8.87 7.30 -15.62
N PHE C 133 9.70 7.12 -16.64
CA PHE C 133 11.14 7.15 -16.45
C PHE C 133 11.75 8.47 -16.90
N SER C 134 12.54 9.06 -16.01
CA SER C 134 13.26 10.32 -16.24
C SER C 134 14.49 10.06 -17.08
N LYS C 135 14.96 11.08 -17.82
CA LYS C 135 16.24 10.98 -18.54
C LYS C 135 17.42 10.77 -17.55
N ASP C 136 17.32 11.36 -16.37
CA ASP C 136 18.22 10.99 -15.30
C ASP C 136 17.43 10.37 -14.09
N GLN C 137 17.22 9.07 -14.18
CA GLN C 137 16.39 8.30 -13.27
C GLN C 137 17.38 7.74 -12.27
N LYS C 138 17.57 8.53 -11.20
CA LYS C 138 18.65 8.31 -10.22
C LYS C 138 18.48 7.02 -9.40
N ASP C 139 17.25 6.52 -9.33
CA ASP C 139 17.03 5.27 -8.56
C ASP C 139 17.07 4.01 -9.39
N LEU C 140 17.64 4.10 -10.60
CA LEU C 140 17.92 2.95 -11.45
C LEU C 140 19.40 2.86 -11.82
N ILE C 141 19.96 1.68 -11.62
CA ILE C 141 21.28 1.36 -12.15
C ILE C 141 21.08 0.85 -13.58
N LEU C 142 21.39 1.74 -14.54
CA LEU C 142 21.34 1.38 -15.94
C LEU C 142 22.65 0.75 -16.41
N GLN C 143 22.48 -0.40 -17.05
CA GLN C 143 23.58 -1.27 -17.45
C GLN C 143 23.50 -1.49 -18.96
N GLY C 144 24.64 -1.53 -19.63
CA GLY C 144 24.69 -1.81 -21.05
C GLY C 144 24.05 -0.72 -21.84
N ASP C 145 23.13 -1.09 -22.73
CA ASP C 145 22.51 -0.14 -23.64
C ASP C 145 21.20 0.50 -23.18
N ALA C 146 20.82 0.29 -21.92
CA ALA C 146 19.72 1.03 -21.30
C ALA C 146 20.25 2.34 -20.65
N THR C 147 19.53 3.47 -20.53
CA THR C 147 18.59 4.20 -21.39
C THR C 147 17.13 4.46 -20.98
N THR C 148 16.95 5.63 -20.38
CA THR C 148 15.63 6.14 -19.94
C THR C 148 15.31 7.49 -20.55
N GLY C 149 14.04 7.89 -20.41
CA GLY C 149 13.52 9.17 -20.92
C GLY C 149 13.53 9.15 -22.44
N THR C 150 13.41 10.28 -23.10
CA THR C 150 12.96 11.51 -22.50
C THR C 150 11.42 11.42 -22.66
N ASP C 151 11.02 10.44 -23.47
CA ASP C 151 9.62 10.04 -23.77
C ASP C 151 8.89 9.37 -22.58
N GLY C 152 9.55 9.39 -21.42
CA GLY C 152 9.06 8.76 -20.20
C GLY C 152 9.27 7.26 -20.09
N ASN C 153 10.05 6.68 -21.02
CA ASN C 153 10.12 5.20 -21.13
C ASN C 153 11.48 4.70 -20.82
N LEU C 154 11.59 3.43 -20.50
CA LEU C 154 12.89 2.85 -20.25
C LEU C 154 13.16 2.01 -21.47
N GLU C 155 14.28 2.25 -22.13
CA GLU C 155 14.60 1.58 -23.39
C GLU C 155 15.68 0.62 -23.04
N LEU C 156 15.33 -0.65 -22.81
CA LEU C 156 16.38 -1.59 -22.38
C LEU C 156 17.54 -1.82 -23.38
N THR C 157 17.22 -1.80 -24.66
CA THR C 157 18.25 -1.91 -25.70
C THR C 157 17.86 -0.89 -26.75
N ARG C 158 18.62 -0.73 -27.82
CA ARG C 158 19.32 0.50 -28.20
C ARG C 158 18.22 0.66 -29.28
N VAL C 159 17.56 1.80 -29.35
CA VAL C 159 16.59 2.07 -30.39
C VAL C 159 16.96 3.42 -31.01
N SER C 160 16.82 3.56 -32.33
CA SER C 160 17.22 4.80 -33.03
C SER C 160 16.19 5.33 -34.04
N SER C 161 15.67 6.53 -33.88
CA SER C 161 15.42 7.32 -32.67
C SER C 161 14.02 7.73 -33.11
N ASN C 162 13.71 7.36 -34.37
CA ASN C 162 12.33 7.16 -34.78
C ASN C 162 11.76 5.81 -34.26
N GLY C 163 12.45 5.24 -33.27
CA GLY C 163 12.03 4.03 -32.56
C GLY C 163 12.49 2.73 -33.20
N SER C 164 13.49 2.83 -34.07
CA SER C 164 13.98 1.68 -34.84
C SER C 164 15.00 0.85 -34.04
N PRO C 165 14.69 -0.44 -33.73
CA PRO C 165 15.53 -1.23 -32.83
C PRO C 165 16.90 -1.58 -33.41
N GLN C 166 17.87 -1.78 -32.53
CA GLN C 166 19.24 -2.08 -32.90
C GLN C 166 19.52 -3.54 -32.56
N GLY C 167 20.28 -4.20 -33.42
CA GLY C 167 20.79 -5.53 -33.14
C GLY C 167 21.94 -5.54 -32.17
N SER C 168 22.30 -6.74 -31.72
CA SER C 168 23.41 -6.97 -30.79
C SER C 168 23.41 -6.01 -29.57
N SER C 169 22.22 -5.74 -29.07
CA SER C 169 22.08 -4.80 -27.98
C SER C 169 21.71 -5.56 -26.71
N VAL C 170 22.37 -5.26 -25.62
CA VAL C 170 21.94 -5.75 -24.33
C VAL C 170 21.89 -4.59 -23.32
N GLY C 171 20.79 -4.51 -22.55
CA GLY C 171 20.64 -3.46 -21.52
C GLY C 171 19.81 -3.96 -20.33
N ARG C 172 20.34 -3.92 -19.06
CA ARG C 172 19.29 -4.19 -18.08
C ARG C 172 19.01 -2.97 -17.22
N ALA C 173 18.13 -2.60 -16.32
CA ALA C 173 17.87 -1.57 -15.31
C ALA C 173 17.63 -2.29 -13.95
N LEU C 174 18.42 -1.95 -12.93
CA LEU C 174 18.22 -2.53 -11.63
C LEU C 174 17.80 -1.40 -10.70
N PHE C 175 16.85 -1.68 -9.84
CA PHE C 175 16.54 -0.74 -8.77
C PHE C 175 17.78 -0.49 -7.91
N TYR C 176 17.97 0.77 -7.56
CA TYR C 176 19.25 1.22 -7.04
C TYR C 176 19.49 0.59 -5.66
N ALA C 177 18.42 0.45 -4.86
CA ALA C 177 18.56 -0.21 -3.57
C ALA C 177 18.62 -1.75 -3.64
N PRO C 178 19.52 -2.35 -2.85
CA PRO C 178 19.43 -3.82 -2.61
C PRO C 178 18.13 -4.13 -1.89
N VAL C 179 17.66 -5.36 -2.07
CA VAL C 179 16.37 -5.85 -1.58
C VAL C 179 16.68 -7.05 -0.73
N HIS C 180 16.15 -7.06 0.48
CA HIS C 180 16.27 -8.22 1.34
C HIS C 180 15.14 -9.19 1.03
N ILE C 181 15.43 -10.16 0.17
CA ILE C 181 14.38 -10.90 -0.55
C ILE C 181 13.96 -12.15 0.19
N TRP C 182 14.82 -12.68 1.03
CA TRP C 182 14.40 -13.70 2.00
C TRP C 182 15.28 -13.50 3.20
N GLU C 183 14.87 -14.10 4.29
CA GLU C 183 15.66 -14.11 5.49
C GLU C 183 15.34 -15.44 6.15
N SER C 184 16.34 -16.03 6.79
CA SER C 184 16.18 -17.31 7.47
C SER C 184 14.93 -17.37 8.37
N SER C 185 14.67 -16.26 9.08
CA SER C 185 13.61 -16.16 10.11
C SER C 185 12.35 -15.46 9.63
N ALA C 186 12.26 -15.26 8.31
CA ALA C 186 11.07 -14.72 7.64
C ALA C 186 10.06 -15.85 7.52
N VAL C 187 8.85 -15.60 8.00
CA VAL C 187 7.79 -16.59 7.91
C VAL C 187 7.19 -16.48 6.50
N VAL C 188 7.16 -15.26 5.96
CA VAL C 188 6.66 -14.98 4.62
C VAL C 188 7.69 -14.09 3.99
N ALA C 189 8.19 -14.50 2.83
CA ALA C 189 9.13 -13.71 2.04
C ALA C 189 8.62 -13.61 0.61
N SER C 190 7.73 -12.67 0.36
CA SER C 190 7.08 -12.64 -0.93
C SER C 190 7.49 -11.42 -1.76
N PHE C 191 7.26 -11.51 -3.05
CA PHE C 191 7.38 -10.35 -3.93
C PHE C 191 6.46 -10.45 -5.14
N ASP C 192 6.07 -9.30 -5.65
CA ASP C 192 5.51 -9.20 -6.95
C ASP C 192 6.18 -8.10 -7.71
N ALA C 193 6.11 -8.24 -9.03
CA ALA C 193 6.62 -7.23 -9.91
C ALA C 193 5.63 -7.17 -11.01
N THR C 194 5.50 -6.00 -11.57
CA THR C 194 4.71 -5.77 -12.74
C THR C 194 5.48 -4.84 -13.67
N PHE C 195 5.49 -5.15 -14.96
CA PHE C 195 6.04 -4.19 -15.89
C PHE C 195 5.18 -4.22 -17.13
N THR C 196 5.12 -3.07 -17.75
CA THR C 196 4.41 -2.99 -18.97
C THR C 196 5.45 -2.72 -20.02
N PHE C 197 5.21 -3.20 -21.23
CA PHE C 197 6.27 -3.21 -22.20
C PHE C 197 5.69 -3.01 -23.60
N LEU C 198 6.58 -2.55 -24.48
CA LEU C 198 6.25 -2.46 -25.87
C LEU C 198 7.39 -3.11 -26.66
N ILE C 199 7.06 -4.25 -27.27
CA ILE C 199 8.00 -4.91 -28.16
C ILE C 199 7.52 -4.70 -29.60
N LYS C 200 8.35 -4.00 -30.38
CA LYS C 200 8.03 -3.76 -31.78
C LYS C 200 9.17 -4.19 -32.63
N SER C 201 8.84 -4.82 -33.75
CA SER C 201 9.85 -5.33 -34.67
C SER C 201 9.31 -5.32 -36.07
N SER C 202 10.20 -5.12 -37.02
CA SER C 202 9.82 -5.25 -38.45
C SER C 202 10.72 -6.33 -39.07
N ASP C 203 11.60 -6.88 -38.21
CA ASP C 203 12.49 -7.96 -38.55
C ASP C 203 11.73 -9.18 -38.95
N SER C 204 12.47 -10.15 -39.46
CA SER C 204 11.93 -11.40 -39.89
C SER C 204 11.32 -12.39 -38.92
N HIS C 205 11.98 -12.78 -37.82
CA HIS C 205 11.73 -12.51 -36.38
C HIS C 205 12.13 -11.35 -35.42
N PRO C 206 11.25 -11.10 -34.41
CA PRO C 206 11.70 -10.34 -33.23
C PRO C 206 12.63 -11.20 -32.38
N ALA C 207 13.58 -10.55 -31.73
CA ALA C 207 14.44 -11.19 -30.75
C ALA C 207 15.02 -10.05 -29.92
N ASP C 208 15.41 -10.29 -28.68
CA ASP C 208 15.39 -11.61 -28.07
C ASP C 208 14.44 -11.79 -26.91
N GLY C 209 13.96 -10.70 -26.33
CA GLY C 209 13.09 -10.79 -25.18
C GLY C 209 13.44 -9.84 -24.06
N ILE C 210 12.56 -9.80 -23.09
CA ILE C 210 12.66 -9.00 -21.90
C ILE C 210 12.54 -9.96 -20.71
N ALA C 211 13.38 -9.77 -19.66
CA ALA C 211 13.22 -10.54 -18.46
C ALA C 211 13.10 -9.60 -17.25
N PHE C 212 12.25 -10.00 -16.30
CA PHE C 212 12.39 -9.51 -14.97
C PHE C 212 13.35 -10.46 -14.22
N PHE C 213 14.27 -9.89 -13.47
CA PHE C 213 15.25 -10.75 -12.86
C PHE C 213 15.58 -10.34 -11.45
N ILE C 214 16.09 -11.31 -10.73
CA ILE C 214 16.52 -11.14 -9.41
C ILE C 214 17.91 -11.69 -9.45
N SER C 215 18.85 -10.94 -8.88
CA SER C 215 20.25 -11.34 -9.00
C SER C 215 21.01 -10.92 -7.79
N ASN C 216 22.25 -11.38 -7.70
CA ASN C 216 23.07 -10.84 -6.66
C ASN C 216 23.19 -9.34 -6.86
N ILE C 217 23.53 -8.68 -5.75
CA ILE C 217 23.59 -7.22 -5.63
C ILE C 217 24.56 -6.56 -6.64
N ASP C 218 25.65 -7.26 -6.91
CA ASP C 218 26.80 -6.76 -7.66
C ASP C 218 26.69 -7.30 -9.11
N SER C 219 25.59 -7.98 -9.36
CA SER C 219 25.30 -8.52 -10.67
C SER C 219 25.51 -7.53 -11.79
N SER C 220 26.32 -7.96 -12.77
CA SER C 220 26.56 -7.16 -13.95
C SER C 220 26.12 -7.92 -15.21
N ILE C 221 25.93 -7.23 -16.32
CA ILE C 221 25.73 -7.93 -17.58
C ILE C 221 26.98 -8.86 -17.86
N PRO C 222 26.74 -10.18 -18.02
CA PRO C 222 27.85 -11.09 -18.29
C PRO C 222 28.35 -10.86 -19.70
N SER C 223 29.65 -11.03 -19.85
CA SER C 223 30.28 -10.89 -21.14
C SER C 223 29.58 -11.84 -22.11
N GLY C 224 29.17 -11.26 -23.24
CA GLY C 224 28.53 -11.97 -24.31
C GLY C 224 27.22 -12.63 -23.89
N SER C 225 26.27 -11.78 -23.48
CA SER C 225 24.93 -12.19 -23.02
C SER C 225 23.89 -11.39 -23.80
N THR C 226 24.34 -10.78 -24.89
CA THR C 226 23.41 -10.33 -25.93
C THR C 226 22.72 -11.57 -26.47
N GLY C 227 21.80 -11.40 -27.40
CA GLY C 227 21.14 -12.55 -28.00
C GLY C 227 20.26 -13.32 -27.04
N ARG C 228 20.35 -14.64 -27.17
CA ARG C 228 19.47 -15.59 -26.51
C ARG C 228 19.73 -15.63 -25.02
N LEU C 229 20.82 -15.00 -24.56
CA LEU C 229 21.14 -15.03 -23.13
C LEU C 229 20.48 -13.92 -22.31
N LEU C 230 19.77 -13.07 -23.03
CA LEU C 230 18.90 -12.05 -22.43
C LEU C 230 19.53 -11.02 -21.47
N GLY C 231 20.85 -10.81 -21.62
CA GLY C 231 21.67 -10.03 -20.67
C GLY C 231 21.82 -10.63 -19.29
N LEU C 232 21.45 -11.87 -19.17
CA LEU C 232 21.26 -12.48 -17.88
C LEU C 232 22.31 -13.48 -17.50
N PHE C 233 22.75 -14.26 -18.48
CA PHE C 233 23.57 -15.45 -18.23
C PHE C 233 24.86 -15.41 -19.07
N PRO C 234 25.95 -16.00 -18.53
CA PRO C 234 27.27 -16.06 -19.18
C PRO C 234 27.34 -17.10 -20.32
N ASP C 235 26.51 -18.16 -20.21
CA ASP C 235 26.44 -19.27 -21.17
C ASP C 235 25.02 -19.86 -21.10
N ALA C 236 24.76 -20.88 -21.92
CA ALA C 236 23.43 -21.45 -22.08
C ALA C 236 23.28 -22.82 -21.43
N ASN C 237 24.06 -23.09 -20.39
CA ASN C 237 23.93 -24.33 -19.66
C ASN C 237 22.69 -24.33 -18.77
N ALA D 1 26.90 24.05 0.89
CA ALA D 1 26.84 22.87 1.80
C ALA D 1 25.69 21.90 1.41
N ASP D 2 25.28 20.98 2.28
CA ASP D 2 24.11 20.18 1.90
C ASP D 2 22.84 21.04 2.01
N THR D 3 21.75 20.60 1.36
CA THR D 3 20.42 21.19 1.55
C THR D 3 19.67 20.22 2.44
N ILE D 4 19.17 20.75 3.53
CA ILE D 4 18.55 19.96 4.55
C ILE D 4 17.16 20.42 4.93
N VAL D 5 16.24 19.47 4.85
CA VAL D 5 14.93 19.57 5.47
C VAL D 5 14.88 18.48 6.55
N ALA D 6 14.39 18.81 7.74
CA ALA D 6 14.35 17.83 8.81
C ALA D 6 13.25 18.14 9.81
N VAL D 7 12.80 17.06 10.44
CA VAL D 7 12.03 17.10 11.64
C VAL D 7 12.95 16.62 12.76
N GLU D 8 13.38 17.54 13.62
CA GLU D 8 14.16 17.24 14.82
C GLU D 8 13.29 16.96 16.09
N LEU D 9 13.65 15.92 16.81
CA LEU D 9 13.23 15.67 18.15
C LEU D 9 14.43 16.12 18.96
N ASP D 10 14.35 17.36 19.41
CA ASP D 10 15.50 18.00 20.00
C ASP D 10 15.39 17.92 21.50
N THR D 11 16.20 17.05 22.10
CA THR D 11 16.11 16.80 23.50
C THR D 11 16.86 17.81 24.36
N TYR D 12 17.68 18.66 23.73
CA TYR D 12 18.61 19.53 24.43
C TYR D 12 18.49 20.99 24.01
N PRO D 13 18.06 21.87 24.94
CA PRO D 13 17.82 23.26 24.56
C PRO D 13 19.10 24.06 24.40
N ASN D 14 19.46 24.37 23.16
CA ASN D 14 20.61 25.21 22.92
C ASN D 14 20.04 26.56 22.67
N THR D 15 19.61 27.23 23.74
CA THR D 15 18.95 28.52 23.67
C THR D 15 19.89 29.58 23.08
N ASP D 16 21.20 29.32 23.04
CA ASP D 16 22.15 30.26 22.45
C ASP D 16 22.07 30.31 20.95
N ILE D 17 21.57 29.22 20.36
CA ILE D 17 21.37 29.16 18.90
C ILE D 17 19.90 29.03 18.56
N GLY D 18 19.04 29.53 19.41
CA GLY D 18 17.66 29.60 19.00
C GLY D 18 16.69 28.57 19.50
N ASP D 19 17.15 27.52 20.16
CA ASP D 19 16.22 26.56 20.72
C ASP D 19 15.27 27.23 21.69
N PRO D 20 14.02 26.74 21.76
CA PRO D 20 13.25 27.16 22.91
C PRO D 20 13.84 26.50 24.18
N SER D 21 13.31 26.84 25.34
CA SER D 21 13.98 26.49 26.57
C SER D 21 13.37 25.26 27.17
N TYR D 22 13.20 24.23 26.33
CA TYR D 22 12.66 22.96 26.74
C TYR D 22 12.97 22.02 25.58
N PRO D 23 12.96 20.69 25.82
CA PRO D 23 12.91 19.69 24.71
C PRO D 23 11.74 20.00 23.75
N HIS D 24 11.89 19.71 22.47
CA HIS D 24 10.96 20.24 21.52
C HIS D 24 11.13 19.48 20.25
N ILE D 25 10.06 19.48 19.47
CA ILE D 25 10.14 19.07 18.10
C ILE D 25 10.14 20.29 17.24
N GLY D 26 10.78 20.22 16.11
CA GLY D 26 10.93 21.42 15.29
C GLY D 26 11.04 21.02 13.85
N ILE D 27 10.69 21.96 13.01
CA ILE D 27 10.81 21.72 11.59
C ILE D 27 11.97 22.60 11.12
N ASP D 28 13.02 21.94 10.62
CA ASP D 28 14.27 22.57 10.16
C ASP D 28 14.30 22.68 8.67
N ILE D 29 14.30 23.94 8.23
CA ILE D 29 14.36 24.21 6.82
C ILE D 29 15.68 24.92 6.50
N LYS D 30 16.65 24.12 6.08
CA LYS D 30 17.99 24.57 5.70
C LYS D 30 18.69 25.27 6.84
N SER D 31 18.21 25.05 8.05
CA SER D 31 18.82 25.65 9.21
C SER D 31 18.45 24.81 10.41
N VAL D 32 19.39 24.70 11.35
CA VAL D 32 19.15 24.06 12.68
C VAL D 32 18.24 24.89 13.56
N ARG D 33 18.02 26.14 13.14
CA ARG D 33 17.18 27.03 13.87
C ARG D 33 15.80 26.85 13.28
N SER D 34 15.02 26.04 13.97
CA SER D 34 13.75 25.60 13.48
C SER D 34 12.83 26.77 13.06
N LYS D 35 12.01 26.51 12.05
CA LYS D 35 11.04 27.46 11.61
C LYS D 35 9.82 27.45 12.50
N LYS D 36 9.51 26.31 13.12
CA LYS D 36 8.42 26.15 14.08
C LYS D 36 8.88 25.01 15.04
N THR D 37 8.56 25.12 16.32
CA THR D 37 8.87 24.11 17.31
C THR D 37 7.61 23.90 18.16
N ALA D 38 7.50 22.77 18.83
CA ALA D 38 6.49 22.64 19.86
C ALA D 38 7.21 22.07 21.06
N LYS D 39 6.74 22.37 22.27
CA LYS D 39 7.31 21.75 23.48
C LYS D 39 7.07 20.24 23.46
N TRP D 40 8.15 19.53 23.72
CA TRP D 40 8.08 18.10 23.68
C TRP D 40 8.49 17.51 25.01
N ASN D 41 7.56 16.75 25.62
CA ASN D 41 8.00 15.95 26.74
C ASN D 41 8.57 14.61 26.27
N MET D 42 9.89 14.52 26.21
CA MET D 42 10.57 13.29 25.86
C MET D 42 10.47 12.40 27.08
N GLN D 43 10.01 11.15 26.87
CA GLN D 43 9.82 10.21 27.97
C GLN D 43 11.01 9.22 28.02
N ASN D 44 11.90 9.48 28.98
CA ASN D 44 13.14 8.77 29.14
C ASN D 44 12.98 7.27 29.13
N GLY D 45 13.67 6.58 28.22
CA GLY D 45 13.59 5.11 28.15
C GLY D 45 12.26 4.59 27.67
N LYS D 46 11.40 5.48 27.14
CA LYS D 46 10.19 4.98 26.55
C LYS D 46 10.35 4.94 25.05
N VAL D 47 9.57 4.10 24.41
CA VAL D 47 9.54 4.04 22.96
C VAL D 47 8.53 5.06 22.46
N GLY D 48 9.02 5.97 21.64
CA GLY D 48 8.21 7.05 21.12
C GLY D 48 8.04 6.77 19.66
N THR D 49 7.09 7.49 19.04
CA THR D 49 6.78 7.32 17.61
C THR D 49 6.72 8.69 17.00
N ALA D 50 7.44 8.91 15.91
CA ALA D 50 7.37 10.15 15.20
C ALA D 50 6.76 9.92 13.82
N HIS D 51 5.69 10.66 13.51
CA HIS D 51 5.07 10.66 12.19
C HIS D 51 5.31 11.95 11.54
N ILE D 52 5.81 11.92 10.30
CA ILE D 52 6.10 13.12 9.53
C ILE D 52 5.26 13.04 8.26
N ILE D 53 4.66 14.15 7.86
CA ILE D 53 3.74 14.13 6.72
C ILE D 53 4.03 15.35 5.93
N TYR D 54 4.25 15.21 4.64
CA TYR D 54 4.20 16.39 3.81
C TYR D 54 3.26 16.13 2.63
N ASN D 55 2.40 17.07 2.28
CA ASN D 55 1.93 17.16 0.87
C ASN D 55 2.20 18.45 0.16
N SER D 56 2.45 18.31 -1.13
CA SER D 56 2.69 19.41 -2.01
C SER D 56 1.42 20.22 -2.27
N VAL D 57 0.26 19.68 -1.95
CA VAL D 57 -1.03 20.36 -2.24
C VAL D 57 -1.25 21.33 -1.07
N GLY D 58 -1.15 20.80 0.14
CA GLY D 58 -1.36 21.62 1.32
C GLY D 58 -0.17 22.52 1.55
N LYS D 59 0.97 22.15 0.96
CA LYS D 59 2.28 22.76 1.23
C LYS D 59 2.52 22.96 2.73
N ARG D 60 2.40 21.87 3.47
CA ARG D 60 2.49 21.90 4.90
C ARG D 60 3.21 20.64 5.34
N LEU D 61 4.31 20.83 6.05
CA LEU D 61 5.09 19.73 6.58
C LEU D 61 4.74 19.67 8.05
N SER D 62 4.27 18.51 8.46
CA SER D 62 3.75 18.29 9.80
C SER D 62 4.45 17.11 10.46
N ALA D 63 4.66 17.21 11.76
CA ALA D 63 5.22 16.09 12.51
C ALA D 63 4.44 15.97 13.80
N VAL D 64 4.22 14.73 14.25
CA VAL D 64 3.75 14.43 15.58
C VAL D 64 4.76 13.45 16.18
N VAL D 65 4.95 13.56 17.48
CA VAL D 65 5.75 12.61 18.26
C VAL D 65 4.92 12.26 19.47
N SER D 66 4.84 10.98 19.75
CA SER D 66 3.96 10.51 20.80
C SER D 66 4.57 9.35 21.47
N TYR D 67 4.08 9.13 22.67
CA TYR D 67 4.39 7.97 23.45
C TYR D 67 3.08 7.27 23.75
N PRO D 68 3.18 5.99 24.14
CA PRO D 68 2.04 5.12 24.46
C PRO D 68 1.01 5.70 25.41
N ASN D 69 1.42 6.49 26.41
CA ASN D 69 0.44 7.10 27.29
C ASN D 69 -0.52 8.12 26.69
N GLY D 70 -0.31 8.48 25.41
CA GLY D 70 -1.21 9.39 24.67
C GLY D 70 -0.62 10.78 24.48
N ASP D 71 0.42 11.06 25.25
CA ASP D 71 1.06 12.34 25.29
C ASP D 71 1.85 12.61 24.01
N SER D 72 1.59 13.75 23.38
CA SER D 72 2.04 13.95 22.03
C SER D 72 2.39 15.41 21.81
N ALA D 73 3.31 15.64 20.88
CA ALA D 73 3.65 17.01 20.49
C ALA D 73 3.52 17.12 18.99
N THR D 74 3.05 18.27 18.52
CA THR D 74 2.82 18.46 17.11
C THR D 74 3.40 19.78 16.53
N VAL D 75 3.94 19.76 15.34
CA VAL D 75 4.43 21.00 14.77
C VAL D 75 4.05 20.92 13.29
N SER D 76 3.62 22.02 12.73
CA SER D 76 3.38 22.08 11.29
C SER D 76 4.13 23.28 10.79
N TYR D 77 4.55 23.25 9.55
CA TYR D 77 5.11 24.43 8.98
C TYR D 77 4.69 24.52 7.50
N ASP D 78 4.10 25.67 7.13
CA ASP D 78 3.72 25.98 5.79
C ASP D 78 4.94 26.22 4.91
N VAL D 79 5.11 25.34 3.93
CA VAL D 79 6.31 25.41 3.13
C VAL D 79 6.09 24.61 1.85
N ASP D 80 6.57 25.16 0.72
CA ASP D 80 6.64 24.49 -0.54
C ASP D 80 8.04 23.95 -0.72
N LEU D 81 8.14 22.63 -0.66
CA LEU D 81 9.40 21.93 -0.67
C LEU D 81 10.06 21.90 -2.05
N ASP D 82 9.28 22.19 -3.09
CA ASP D 82 9.76 22.41 -4.47
C ASP D 82 10.77 23.56 -4.54
N ASN D 83 10.61 24.54 -3.64
CA ASN D 83 11.45 25.74 -3.51
C ASN D 83 12.67 25.52 -2.61
N VAL D 84 12.72 24.37 -1.94
CA VAL D 84 13.72 24.09 -0.91
C VAL D 84 14.69 22.95 -1.31
N LEU D 85 14.14 21.78 -1.61
CA LEU D 85 14.98 20.63 -1.87
C LEU D 85 15.31 20.50 -3.35
N PRO D 86 16.37 19.74 -3.64
CA PRO D 86 16.55 19.40 -5.02
C PRO D 86 15.52 18.31 -5.33
N GLU D 87 15.28 18.09 -6.63
CA GLU D 87 14.34 17.12 -7.14
C GLU D 87 14.62 15.72 -6.59
N TRP D 88 15.90 15.37 -6.57
CA TRP D 88 16.40 14.10 -6.13
C TRP D 88 17.07 14.24 -4.77
N VAL D 89 16.87 13.27 -3.90
CA VAL D 89 17.24 13.42 -2.49
C VAL D 89 17.56 12.07 -1.92
N ARG D 90 18.26 12.04 -0.79
CA ARG D 90 18.21 10.91 0.12
C ARG D 90 17.44 11.25 1.39
N VAL D 91 16.74 10.26 1.93
CA VAL D 91 16.03 10.43 3.17
C VAL D 91 16.73 9.65 4.22
N GLY D 92 16.69 10.14 5.45
CA GLY D 92 17.39 9.45 6.50
C GLY D 92 16.98 9.83 7.90
N LEU D 93 17.62 9.12 8.83
CA LEU D 93 17.56 9.41 10.23
C LEU D 93 18.95 9.87 10.67
N SER D 94 18.99 10.78 11.62
CA SER D 94 20.24 11.32 12.13
C SER D 94 20.04 11.49 13.62
N ALA D 95 21.11 11.35 14.38
CA ALA D 95 21.14 11.63 15.80
C ALA D 95 22.54 12.06 16.20
N SER D 96 22.63 12.77 17.30
CA SER D 96 23.94 13.15 17.85
C SER D 96 23.86 13.26 19.34
N THR D 97 25.01 13.09 19.98
CA THR D 97 25.23 13.46 21.38
C THR D 97 26.34 14.47 21.39
N GLY D 98 26.52 15.12 22.52
CA GLY D 98 27.54 16.16 22.60
C GLY D 98 28.24 16.03 23.93
N LEU D 99 28.30 17.13 24.66
CA LEU D 99 28.84 17.14 26.02
C LEU D 99 27.89 16.33 26.91
N TYR D 100 26.61 16.34 26.53
CA TYR D 100 25.58 15.43 27.08
C TYR D 100 25.14 14.39 26.05
N LYS D 101 24.59 13.31 26.53
CA LYS D 101 24.39 12.15 25.72
C LYS D 101 23.05 11.46 26.03
N GLU D 102 22.65 10.60 25.10
CA GLU D 102 21.46 9.76 25.22
C GLU D 102 21.62 8.64 24.18
N THR D 103 20.92 7.52 24.39
CA THR D 103 20.75 6.57 23.30
C THR D 103 19.87 7.21 22.25
N ASN D 104 20.19 6.97 20.99
CA ASN D 104 19.35 7.43 19.91
C ASN D 104 18.94 6.21 19.06
N THR D 105 18.19 5.32 19.71
CA THR D 105 17.80 4.06 19.11
C THR D 105 16.55 4.13 18.27
N ILE D 106 16.68 3.62 17.04
CA ILE D 106 15.58 3.51 16.12
C ILE D 106 15.11 2.03 16.07
N LEU D 107 13.85 1.82 16.41
CA LEU D 107 13.30 0.47 16.44
C LEU D 107 12.54 0.10 15.12
N SER D 108 12.10 1.11 14.38
CA SER D 108 11.41 0.93 13.12
C SER D 108 11.47 2.24 12.38
N TRP D 109 11.36 2.16 11.05
CA TRP D 109 11.37 3.34 10.22
C TRP D 109 10.71 3.04 8.87
N SER D 110 9.69 3.83 8.51
CA SER D 110 9.05 3.73 7.21
C SER D 110 8.99 5.10 6.52
N PHE D 111 8.74 5.06 5.23
CA PHE D 111 8.83 6.21 4.45
C PHE D 111 8.03 5.90 3.22
N THR D 112 7.31 6.86 2.72
CA THR D 112 6.61 6.70 1.45
C THR D 112 6.71 8.01 0.77
N SER D 113 7.01 7.99 -0.51
CA SER D 113 7.18 9.14 -1.33
C SER D 113 6.24 8.83 -2.49
N LYS D 114 5.39 9.76 -2.86
CA LYS D 114 4.68 9.65 -4.13
C LYS D 114 4.77 10.89 -4.98
N LEU D 115 5.02 10.67 -6.27
CA LEU D 115 4.93 11.72 -7.27
C LEU D 115 3.90 11.35 -8.30
N LYS D 116 2.76 12.02 -8.28
CA LYS D 116 1.81 12.08 -9.42
C LYS D 116 1.86 13.52 -9.96
N SER D 117 2.19 13.81 -11.24
CA SER D 117 2.07 12.93 -12.39
C SER D 117 2.83 13.49 -13.62
N GLU D 122 1.77 9.50 -14.72
CA GLU D 122 1.00 8.97 -13.60
C GLU D 122 1.84 9.01 -12.29
N THR D 123 1.74 7.96 -11.46
CA THR D 123 2.40 7.95 -10.16
C THR D 123 3.74 7.19 -10.17
N ASN D 124 4.80 7.84 -9.66
CA ASN D 124 6.01 7.15 -9.17
C ASN D 124 5.99 7.13 -7.67
N ALA D 125 6.43 6.06 -7.05
CA ALA D 125 6.31 5.97 -5.62
C ALA D 125 7.42 5.13 -5.07
N LEU D 126 7.84 5.44 -3.86
CA LEU D 126 8.79 4.62 -3.17
C LEU D 126 8.21 4.45 -1.77
N HIS D 127 8.29 3.23 -1.26
CA HIS D 127 7.89 2.96 0.05
C HIS D 127 8.87 1.93 0.64
N PHE D 128 9.39 2.21 1.83
CA PHE D 128 10.06 1.14 2.54
C PHE D 128 9.68 1.17 3.99
N VAL D 129 9.85 0.02 4.62
CA VAL D 129 9.60 -0.12 6.00
C VAL D 129 10.70 -0.98 6.54
N PHE D 130 11.25 -0.56 7.67
CA PHE D 130 12.11 -1.42 8.44
C PHE D 130 11.44 -1.62 9.76
N ASN D 131 11.16 -2.86 10.13
CA ASN D 131 10.75 -3.15 11.49
C ASN D 131 11.86 -3.86 12.23
N GLN D 132 12.86 -4.29 11.48
CA GLN D 132 13.99 -5.02 12.01
C GLN D 132 15.20 -4.48 11.30
N PHE D 133 16.24 -4.16 12.03
CA PHE D 133 17.49 -3.78 11.36
C PHE D 133 18.47 -4.94 11.47
N SER D 134 18.95 -5.41 10.33
CA SER D 134 19.93 -6.51 10.29
C SER D 134 21.27 -5.91 10.63
N LYS D 135 22.23 -6.75 11.04
CA LYS D 135 23.61 -6.33 11.27
C LYS D 135 24.26 -5.89 9.97
N ASP D 136 23.85 -6.52 8.88
CA ASP D 136 24.26 -6.05 7.55
C ASP D 136 23.04 -5.52 6.78
N GLN D 137 22.65 -4.28 7.05
CA GLN D 137 21.48 -3.68 6.43
C GLN D 137 21.97 -3.05 5.15
N LYS D 138 21.95 -3.83 4.07
CA LYS D 138 22.52 -3.41 2.79
C LYS D 138 21.73 -2.24 2.13
N ASP D 139 20.46 -2.08 2.50
CA ASP D 139 19.69 -0.99 1.90
C ASP D 139 19.68 0.29 2.77
N LEU D 140 20.66 0.39 3.67
CA LEU D 140 20.92 1.60 4.42
C LEU D 140 22.36 2.00 4.30
N ILE D 141 22.58 3.26 3.96
CA ILE D 141 23.88 3.91 4.07
C ILE D 141 24.08 4.41 5.52
N LEU D 142 24.84 3.65 6.32
CA LEU D 142 25.25 4.13 7.62
C LEU D 142 26.43 5.14 7.53
N GLN D 143 26.25 6.25 8.25
CA GLN D 143 27.21 7.32 8.22
C GLN D 143 27.66 7.58 9.69
N GLY D 144 28.93 7.94 9.91
CA GLY D 144 29.40 8.15 11.27
C GLY D 144 29.22 6.98 12.20
N ASP D 145 28.57 7.21 13.35
CA ASP D 145 28.48 6.18 14.41
C ASP D 145 27.33 5.15 14.41
N ALA D 146 26.39 5.17 13.48
CA ALA D 146 25.36 4.08 13.32
C ALA D 146 25.97 2.83 12.65
N THR D 147 25.82 1.52 12.95
CA THR D 147 25.09 0.61 13.88
C THR D 147 23.58 0.50 13.64
N THR D 148 23.10 -0.37 12.76
CA THR D 148 22.62 -1.78 12.89
C THR D 148 22.99 -2.95 13.86
N GLY D 149 21.89 -3.56 14.34
CA GLY D 149 21.87 -4.58 15.40
C GLY D 149 21.66 -6.01 14.94
N THR D 150 21.29 -6.92 15.84
CA THR D 150 20.65 -6.68 17.15
C THR D 150 21.06 -5.41 17.93
N ASP D 151 20.17 -4.88 18.80
CA ASP D 151 18.94 -5.55 19.33
C ASP D 151 17.79 -5.78 18.28
N GLY D 152 18.18 -5.88 17.00
CA GLY D 152 17.31 -5.69 15.85
C GLY D 152 17.18 -4.21 15.50
N ASN D 153 18.04 -3.37 16.13
CA ASN D 153 17.75 -1.93 16.20
C ASN D 153 18.74 -1.16 15.40
N LEU D 154 18.40 0.08 15.08
CA LEU D 154 19.36 0.96 14.44
C LEU D 154 19.84 1.94 15.52
N GLU D 155 21.15 1.98 15.78
CA GLU D 155 21.70 2.83 16.85
C GLU D 155 22.35 3.96 16.14
N LEU D 156 21.72 5.14 16.14
CA LEU D 156 22.29 6.24 15.40
C LEU D 156 23.62 6.75 16.02
N THR D 157 23.67 6.70 17.34
CA THR D 157 24.87 7.12 18.05
C THR D 157 25.41 5.98 18.90
N ARG D 158 26.69 6.09 19.21
CA ARG D 158 27.41 5.05 19.95
C ARG D 158 26.73 4.73 21.26
N VAL D 159 26.41 3.47 21.46
CA VAL D 159 26.08 2.94 22.77
C VAL D 159 27.10 1.85 23.09
N SER D 160 27.09 1.37 24.31
CA SER D 160 27.85 0.19 24.62
C SER D 160 26.93 -1.01 24.37
N SER D 161 27.51 -2.21 24.14
CA SER D 161 26.71 -3.41 23.87
C SER D 161 25.75 -3.58 25.02
N ASN D 162 26.07 -2.88 26.11
CA ASN D 162 25.41 -3.03 27.38
C ASN D 162 24.50 -1.83 27.72
N GLY D 163 24.12 -1.07 26.69
CA GLY D 163 23.08 -0.02 26.74
C GLY D 163 23.49 1.43 26.94
N SER D 164 24.76 1.65 27.31
CA SER D 164 25.26 2.95 27.78
C SER D 164 25.67 3.91 26.65
N PRO D 165 24.96 5.08 26.52
CA PRO D 165 25.27 6.00 25.41
C PRO D 165 26.58 6.76 25.60
N GLN D 166 27.13 7.28 24.51
CA GLN D 166 28.42 7.94 24.50
C GLN D 166 28.23 9.38 24.04
N GLY D 167 29.01 10.28 24.61
CA GLY D 167 29.06 11.67 24.20
C GLY D 167 29.83 11.83 22.93
N SER D 168 29.86 13.08 22.46
CA SER D 168 30.40 13.50 21.15
C SER D 168 30.20 12.47 20.00
N SER D 169 28.96 12.05 19.79
CA SER D 169 28.67 11.01 18.81
C SER D 169 27.68 11.53 17.75
N VAL D 170 27.84 11.05 16.54
CA VAL D 170 26.97 11.46 15.46
C VAL D 170 26.89 10.30 14.43
N GLY D 171 25.66 10.01 14.02
CA GLY D 171 25.39 8.85 13.17
C GLY D 171 24.14 9.15 12.35
N ARG D 172 24.12 8.65 11.12
CA ARG D 172 22.90 8.80 10.33
C ARG D 172 22.71 7.53 9.57
N ALA D 173 21.48 7.26 9.20
CA ALA D 173 21.14 6.16 8.31
C ALA D 173 20.33 6.78 7.17
N LEU D 174 20.80 6.61 5.93
CA LEU D 174 20.12 7.12 4.76
C LEU D 174 19.64 5.92 4.00
N PHE D 175 18.44 5.98 3.43
CA PHE D 175 18.00 4.85 2.59
C PHE D 175 18.85 4.80 1.34
N TYR D 176 19.15 3.60 0.89
CA TYR D 176 20.14 3.42 -0.16
C TYR D 176 19.73 4.08 -1.48
N ALA D 177 18.45 3.96 -1.87
CA ALA D 177 18.02 4.60 -3.11
C ALA D 177 17.80 6.11 -2.92
N PRO D 178 18.23 6.91 -3.93
CA PRO D 178 17.78 8.29 -4.07
C PRO D 178 16.27 8.28 -4.32
N VAL D 179 15.62 9.34 -3.86
CA VAL D 179 14.19 9.48 -3.94
C VAL D 179 13.95 10.72 -4.75
N HIS D 180 13.00 10.61 -5.66
CA HIS D 180 12.59 11.71 -6.48
C HIS D 180 11.44 12.39 -5.70
N ILE D 181 11.78 13.40 -4.91
CA ILE D 181 10.87 13.95 -3.86
C ILE D 181 9.89 14.98 -4.41
N TRP D 182 10.29 15.68 -5.46
CA TRP D 182 9.38 16.52 -6.21
C TRP D 182 9.86 16.50 -7.67
N GLU D 183 9.08 17.10 -8.53
CA GLU D 183 9.32 17.06 -9.93
C GLU D 183 8.38 18.13 -10.44
N SER D 184 8.89 19.03 -11.29
CA SER D 184 8.14 20.24 -11.64
C SER D 184 6.74 19.97 -12.19
N SER D 185 6.55 18.80 -12.82
CA SER D 185 5.24 18.43 -13.43
C SER D 185 4.33 17.56 -12.54
N ALA D 186 4.78 17.27 -11.33
CA ALA D 186 3.99 16.53 -10.35
C ALA D 186 2.86 17.41 -9.78
N VAL D 187 1.61 16.92 -9.80
CA VAL D 187 0.53 17.72 -9.27
C VAL D 187 0.45 17.47 -7.75
N VAL D 188 0.92 16.28 -7.33
CA VAL D 188 1.05 15.93 -5.93
C VAL D 188 2.42 15.31 -5.76
N ALA D 189 3.19 15.86 -4.84
CA ALA D 189 4.51 15.36 -4.49
C ALA D 189 4.52 15.20 -2.98
N SER D 190 4.04 14.08 -2.49
CA SER D 190 3.90 14.00 -1.07
C SER D 190 4.77 12.90 -0.50
N PHE D 191 4.97 12.97 0.79
CA PHE D 191 5.66 11.91 1.49
C PHE D 191 5.25 11.88 2.92
N ASP D 192 5.37 10.71 3.51
CA ASP D 192 5.39 10.62 4.93
C ASP D 192 6.44 9.63 5.36
N ALA D 193 6.75 9.73 6.65
CA ALA D 193 7.77 8.95 7.26
C ALA D 193 7.34 8.72 8.69
N THR D 194 7.70 7.57 9.17
CA THR D 194 7.46 7.31 10.58
C THR D 194 8.64 6.52 11.12
N PHE D 195 8.95 6.80 12.37
CA PHE D 195 10.01 6.09 13.02
C PHE D 195 9.61 5.93 14.43
N THR D 196 10.06 4.84 15.01
CA THR D 196 9.89 4.68 16.42
C THR D 196 11.27 4.71 16.98
N PHE D 197 11.39 5.11 18.24
CA PHE D 197 12.70 5.43 18.78
C PHE D 197 12.67 5.22 20.27
N LEU D 198 13.86 4.96 20.82
CA LEU D 198 14.06 4.86 22.23
C LEU D 198 15.25 5.77 22.59
N ILE D 199 14.91 6.87 23.27
CA ILE D 199 15.91 7.79 23.79
C ILE D 199 15.97 7.53 25.31
N LYS D 200 17.15 7.09 25.74
CA LYS D 200 17.40 6.85 27.16
C LYS D 200 18.68 7.50 27.55
N SER D 201 18.67 8.08 28.74
CA SER D 201 19.82 8.80 29.28
C SER D 201 19.79 8.75 30.81
N SER D 202 20.97 8.72 31.41
CA SER D 202 21.14 8.86 32.87
C SER D 202 21.89 10.16 33.14
N ASP D 203 22.18 10.88 32.06
CA ASP D 203 22.90 12.14 32.10
C ASP D 203 22.12 13.18 32.82
N SER D 204 22.81 14.26 33.13
CA SER D 204 22.23 15.34 33.87
C SER D 204 21.23 16.20 33.14
N HIS D 205 21.43 16.51 31.87
CA HIS D 205 20.51 16.26 30.72
C HIS D 205 20.72 15.24 29.56
N PRO D 206 19.60 14.80 28.93
CA PRO D 206 19.68 14.11 27.63
C PRO D 206 20.07 15.07 26.52
N ALA D 207 20.87 14.56 25.58
CA ALA D 207 21.26 15.34 24.42
C ALA D 207 21.78 14.35 23.37
N ASP D 208 21.63 14.67 22.08
CA ASP D 208 21.03 15.93 21.58
C ASP D 208 19.67 15.83 20.80
N GLY D 209 19.32 14.64 20.37
CA GLY D 209 18.13 14.45 19.58
C GLY D 209 18.38 13.56 18.41
N ILE D 210 17.28 13.27 17.75
CA ILE D 210 17.17 12.52 16.53
C ILE D 210 16.37 13.38 15.59
N ALA D 211 16.71 13.33 14.30
CA ALA D 211 15.97 14.02 13.27
C ALA D 211 15.65 13.04 12.16
N PHE D 212 14.46 13.16 11.57
CA PHE D 212 14.26 12.67 10.22
C PHE D 212 14.64 13.79 9.24
N PHE D 213 15.36 13.43 8.18
CA PHE D 213 15.82 14.43 7.26
C PHE D 213 15.79 13.97 5.81
N ILE D 214 15.90 14.98 4.96
CA ILE D 214 15.91 14.81 3.58
C ILE D 214 17.02 15.71 3.15
N SER D 215 17.91 15.15 2.33
CA SER D 215 19.11 15.91 1.93
C SER D 215 19.38 15.71 0.46
N ASN D 216 20.31 16.49 -0.11
CA ASN D 216 20.84 16.13 -1.41
C ASN D 216 21.37 14.70 -1.35
N ILE D 217 21.47 14.08 -2.51
CA ILE D 217 21.83 12.65 -2.60
C ILE D 217 23.19 12.29 -1.98
N ASP D 218 24.15 13.19 -2.18
CA ASP D 218 25.54 12.96 -1.80
C ASP D 218 25.78 13.54 -0.40
N SER D 219 24.71 13.78 0.33
CA SER D 219 24.81 14.27 1.70
C SER D 219 25.63 13.44 2.65
N SER D 220 26.63 14.07 3.25
CA SER D 220 27.37 13.43 4.34
C SER D 220 27.27 14.22 5.66
N ILE D 221 27.60 13.58 6.77
CA ILE D 221 27.67 14.30 8.01
C ILE D 221 28.63 15.52 7.83
N PRO D 222 28.15 16.76 8.14
CA PRO D 222 29.05 17.88 7.98
C PRO D 222 30.08 17.85 9.09
N SER D 223 31.28 18.36 8.81
CA SER D 223 32.35 18.44 9.83
C SER D 223 31.86 19.14 11.09
N GLY D 224 32.07 18.49 12.24
CA GLY D 224 31.70 19.00 13.57
C GLY D 224 30.21 19.31 13.74
N SER D 225 29.37 18.33 13.45
CA SER D 225 27.93 18.51 13.56
C SER D 225 27.42 17.51 14.58
N THR D 226 28.33 17.08 15.46
CA THR D 226 27.93 16.45 16.72
C THR D 226 27.15 17.48 17.57
N GLY D 227 26.65 17.03 18.71
CA GLY D 227 25.86 17.90 19.56
C GLY D 227 24.68 18.54 18.88
N ARG D 228 24.55 19.85 19.12
CA ARG D 228 23.39 20.66 18.77
C ARG D 228 23.05 20.75 17.30
N LEU D 229 24.02 20.36 16.47
CA LEU D 229 23.83 20.41 15.03
C LEU D 229 23.17 19.15 14.48
N LEU D 230 23.04 18.13 15.34
CA LEU D 230 22.19 16.92 15.08
C LEU D 230 22.66 16.02 13.88
N GLY D 231 23.95 16.11 13.60
CA GLY D 231 24.56 15.50 12.42
C GLY D 231 24.09 16.06 11.12
N LEU D 232 23.51 17.24 11.14
CA LEU D 232 22.75 17.70 10.00
C LEU D 232 23.36 18.87 9.30
N PHE D 233 23.91 19.80 10.10
CA PHE D 233 24.29 21.16 9.66
C PHE D 233 25.75 21.48 9.92
N PRO D 234 26.38 22.28 9.01
CA PRO D 234 27.80 22.62 9.13
C PRO D 234 28.05 23.70 10.20
N ASP D 235 27.03 24.50 10.54
CA ASP D 235 27.08 25.55 11.54
C ASP D 235 25.64 25.83 12.03
N ALA D 236 25.48 26.83 12.91
CA ALA D 236 24.20 27.08 13.61
C ALA D 236 23.38 28.27 13.08
N ASN D 237 23.68 28.74 11.88
CA ASN D 237 22.97 29.81 11.20
C ASN D 237 21.56 29.43 10.75
#